data_6HNC
#
_entry.id   6HNC
#
_cell.length_a   74.788
_cell.length_b   90.159
_cell.length_c   83.020
_cell.angle_alpha   90.00
_cell.angle_beta   115.77
_cell.angle_gamma   90.00
#
_symmetry.space_group_name_H-M   'P 1 21 1'
#
loop_
_entity.id
_entity.type
_entity.pdbx_description
1 polymer 'Pteridine reductase'
2 non-polymer 'NADP NICOTINAMIDE-ADENINE-DINUCLEOTIDE PHOSPHATE'
3 non-polymer 1-(4-chlorophenyl)-6,6-dimethyl-1,6-dihydro-1,3,5-triazine-2,4-diamine
4 non-polymer 'ACETATE ION'
5 non-polymer GLYCEROL
6 non-polymer 'DIMETHYL SULFOXIDE'
7 water water
#
_entity_poly.entity_id   1
_entity_poly.type   'polypeptide(L)'
_entity_poly.pdbx_seq_one_letter_code
;MGSSHHHHHHSSGLVPRGSHMEAPAAVVTGAAKRIGRAIAVKLHQTGYRVVIHYHNSAEAAVSLADELNKERSNTAVVCQ
ADLTNSNVLPASCEEIINSCFRAFGRCDVLVNNASAFYPTPLVQGDHEDNSNGKTVETQVAELIGTNAIAPFLLTMSFAQ
RQKGTNPNCTSSNLSIVNLCDAMVDQPCMAFSLYNMGKHALVGLTQSAALELAPYGIRVNGVAPGVSLLPVAMGEEEKDK
WRRKVPLGRREASAEQIADAVIFLVSGSAQYITGSIIKVDGGLSLVHA
;
_entity_poly.pdbx_strand_id   A,B,C,D
#
loop_
_chem_comp.id
_chem_comp.type
_chem_comp.name
_chem_comp.formula
1CY non-polymer 1-(4-chlorophenyl)-6,6-dimethyl-1,6-dihydro-1,3,5-triazine-2,4-diamine 'C11 H14 Cl N5'
ACT non-polymer 'ACETATE ION' 'C2 H3 O2 -1'
DMS non-polymer 'DIMETHYL SULFOXIDE' 'C2 H6 O S'
GOL non-polymer GLYCEROL 'C3 H8 O3'
NAP non-polymer 'NADP NICOTINAMIDE-ADENINE-DINUCLEOTIDE PHOSPHATE' 'C21 H28 N7 O17 P3'
#
# COMPACT_ATOMS: atom_id res chain seq x y z
N GLU A 22 -1.02 -14.50 -38.31
CA GLU A 22 -2.35 -13.91 -37.97
C GLU A 22 -2.71 -14.18 -36.51
N ALA A 23 -2.72 -15.44 -36.05
CA ALA A 23 -3.05 -15.69 -34.64
C ALA A 23 -1.92 -15.16 -33.76
N PRO A 24 -2.19 -14.47 -32.64
CA PRO A 24 -1.10 -14.11 -31.71
C PRO A 24 -0.57 -15.34 -30.98
N ALA A 25 0.59 -15.13 -30.31
CA ALA A 25 1.22 -16.25 -29.61
C ALA A 25 1.61 -15.81 -28.18
N ALA A 26 1.54 -16.77 -27.27
CA ALA A 26 1.85 -16.50 -25.86
C ALA A 26 2.81 -17.56 -25.33
N VAL A 27 3.65 -17.15 -24.35
CA VAL A 27 4.46 -18.05 -23.55
C VAL A 27 3.85 -18.11 -22.17
N VAL A 28 3.64 -19.30 -21.65
CA VAL A 28 3.18 -19.44 -20.28
C VAL A 28 4.20 -20.31 -19.55
N THR A 29 4.78 -19.78 -18.47
CA THR A 29 5.73 -20.60 -17.70
C THR A 29 5.02 -21.51 -16.71
N GLY A 30 5.60 -22.68 -16.46
CA GLY A 30 4.99 -23.66 -15.57
C GLY A 30 3.57 -24.02 -16.01
N ALA A 31 3.41 -24.27 -17.32
CA ALA A 31 2.07 -24.39 -17.92
C ALA A 31 1.55 -25.85 -18.00
N ALA A 32 2.29 -26.83 -17.50
CA ALA A 32 1.87 -28.25 -17.60
C ALA A 32 0.70 -28.61 -16.70
N LYS A 33 0.59 -27.94 -15.56
CA LYS A 33 -0.38 -28.37 -14.56
C LYS A 33 -1.03 -27.13 -13.95
N ARG A 34 -2.17 -27.33 -13.27
CA ARG A 34 -2.72 -26.37 -12.30
C ARG A 34 -3.01 -25.02 -12.97
N ILE A 35 -2.57 -23.92 -12.31
CA ILE A 35 -2.97 -22.60 -12.80
C ILE A 35 -2.38 -22.31 -14.17
N GLY A 36 -1.09 -22.66 -14.35
CA GLY A 36 -0.48 -22.37 -15.64
C GLY A 36 -1.20 -23.12 -16.80
N ARG A 37 -1.60 -24.35 -16.54
CA ARG A 37 -2.35 -25.10 -17.54
C ARG A 37 -3.66 -24.40 -17.87
N ALA A 38 -4.36 -23.92 -16.83
CA ALA A 38 -5.65 -23.29 -17.08
C ALA A 38 -5.45 -22.01 -17.86
N ILE A 39 -4.34 -21.29 -17.61
CA ILE A 39 -4.05 -20.07 -18.36
C ILE A 39 -3.77 -20.45 -19.81
N ALA A 40 -2.94 -21.48 -20.02
CA ALA A 40 -2.59 -21.82 -21.40
C ALA A 40 -3.86 -22.24 -22.18
N VAL A 41 -4.67 -23.09 -21.54
CA VAL A 41 -5.91 -23.53 -22.18
C VAL A 41 -6.82 -22.34 -22.53
N LYS A 42 -6.99 -21.37 -21.60
CA LYS A 42 -7.92 -20.30 -21.84
C LYS A 42 -7.33 -19.36 -22.89
N LEU A 43 -5.98 -19.16 -22.93
CA LEU A 43 -5.43 -18.35 -24.01
C LEU A 43 -5.71 -19.07 -25.35
N HIS A 44 -5.48 -20.37 -25.38
CA HIS A 44 -5.64 -21.11 -26.63
C HIS A 44 -7.10 -21.02 -27.10
N GLN A 45 -8.06 -21.12 -26.15
CA GLN A 45 -9.47 -20.95 -26.47
C GLN A 45 -9.79 -19.58 -27.05
N THR A 46 -9.05 -18.54 -26.64
CA THR A 46 -9.24 -17.18 -27.09
C THR A 46 -8.66 -16.98 -28.48
N GLY A 47 -7.84 -17.92 -28.97
CA GLY A 47 -7.28 -17.68 -30.28
C GLY A 47 -5.74 -17.69 -30.32
N TYR A 48 -5.08 -17.83 -29.18
CA TYR A 48 -3.62 -17.75 -29.15
C TYR A 48 -2.99 -19.11 -29.51
N ARG A 49 -1.82 -19.02 -30.13
CA ARG A 49 -0.88 -20.15 -30.15
C ARG A 49 -0.01 -20.09 -28.88
N VAL A 50 0.34 -21.23 -28.33
CA VAL A 50 0.98 -21.24 -27.01
C VAL A 50 2.28 -22.02 -27.00
N VAL A 51 3.25 -21.47 -26.24
CA VAL A 51 4.40 -22.20 -25.73
C VAL A 51 4.14 -22.62 -24.29
N ILE A 52 4.13 -23.92 -24.08
CA ILE A 52 3.90 -24.55 -22.80
C ILE A 52 5.27 -24.80 -22.18
N HIS A 53 5.76 -23.91 -21.32
CA HIS A 53 7.02 -24.15 -20.62
C HIS A 53 6.83 -25.14 -19.47
N TYR A 54 7.83 -25.98 -19.21
CA TYR A 54 7.78 -26.88 -18.07
C TYR A 54 9.20 -27.15 -17.58
N HIS A 55 9.32 -27.69 -16.37
CA HIS A 55 10.63 -28.03 -15.85
C HIS A 55 10.66 -29.54 -15.67
N ASN A 56 9.91 -30.06 -14.69
CA ASN A 56 9.89 -31.50 -14.45
C ASN A 56 8.70 -32.23 -15.10
N SER A 57 7.64 -31.51 -15.51
CA SER A 57 6.38 -32.19 -15.80
C SER A 57 6.26 -32.44 -17.30
N ALA A 58 7.15 -33.29 -17.84
CA ALA A 58 7.30 -33.47 -19.28
C ALA A 58 6.07 -34.14 -19.89
N GLU A 59 5.61 -35.22 -19.24
CA GLU A 59 4.46 -36.00 -19.66
C GLU A 59 3.21 -35.12 -19.77
N ALA A 60 2.91 -34.34 -18.71
CA ALA A 60 1.77 -33.43 -18.66
C ALA A 60 1.88 -32.31 -19.70
N ALA A 61 3.09 -31.77 -19.89
CA ALA A 61 3.32 -30.75 -20.91
C ALA A 61 2.96 -31.25 -22.31
N VAL A 62 3.51 -32.42 -22.68
CA VAL A 62 3.36 -32.97 -24.02
C VAL A 62 1.89 -33.36 -24.24
N SER A 63 1.26 -33.90 -23.17
CA SER A 63 -0.15 -34.25 -23.18
CA SER A 63 -0.14 -34.26 -23.24
C SER A 63 -1.01 -33.02 -23.49
N LEU A 64 -0.70 -31.91 -22.81
CA LEU A 64 -1.48 -30.70 -23.04
C LEU A 64 -1.26 -30.22 -24.46
N ALA A 65 -0.01 -30.20 -24.95
CA ALA A 65 0.24 -29.65 -26.28
C ALA A 65 -0.49 -30.51 -27.34
N ASP A 66 -0.51 -31.83 -27.10
CA ASP A 66 -1.21 -32.77 -27.97
C ASP A 66 -2.70 -32.42 -28.01
N GLU A 67 -3.30 -32.23 -26.83
CA GLU A 67 -4.71 -31.86 -26.79
C GLU A 67 -4.99 -30.56 -27.55
N LEU A 68 -4.18 -29.50 -27.37
CA LEU A 68 -4.42 -28.23 -28.03
C LEU A 68 -4.24 -28.36 -29.54
N ASN A 69 -3.25 -29.16 -29.95
CA ASN A 69 -2.98 -29.38 -31.35
C ASN A 69 -4.10 -30.22 -32.00
N LYS A 70 -4.69 -31.16 -31.25
CA LYS A 70 -5.88 -31.87 -31.76
C LYS A 70 -6.97 -30.86 -32.08
N GLU A 71 -7.16 -29.84 -31.20
CA GLU A 71 -8.12 -28.77 -31.42
C GLU A 71 -7.78 -27.89 -32.61
N ARG A 72 -6.58 -27.29 -32.70
CA ARG A 72 -6.17 -26.52 -33.87
C ARG A 72 -4.72 -26.89 -34.20
N SER A 73 -4.46 -27.53 -35.35
CA SER A 73 -3.10 -28.05 -35.56
CA SER A 73 -3.12 -28.04 -35.64
C SER A 73 -2.08 -26.91 -35.58
N ASN A 74 -0.91 -27.21 -35.03
CA ASN A 74 0.26 -26.33 -35.12
C ASN A 74 0.05 -25.06 -34.27
N THR A 75 -0.61 -25.25 -33.12
CA THR A 75 -0.93 -24.10 -32.29
C THR A 75 -0.26 -24.18 -30.90
N ALA A 76 0.48 -25.26 -30.62
CA ALA A 76 1.05 -25.51 -29.29
C ALA A 76 2.40 -26.20 -29.42
N VAL A 77 3.39 -25.71 -28.65
CA VAL A 77 4.67 -26.42 -28.51
C VAL A 77 5.03 -26.45 -27.03
N VAL A 78 5.97 -27.33 -26.64
CA VAL A 78 6.51 -27.31 -25.28
C VAL A 78 7.94 -26.77 -25.32
N CYS A 79 8.41 -26.28 -24.16
CA CYS A 79 9.77 -25.82 -24.05
C CYS A 79 10.21 -26.12 -22.62
N GLN A 80 11.29 -26.89 -22.45
CA GLN A 80 11.72 -27.29 -21.11
C GLN A 80 12.79 -26.32 -20.60
N ALA A 81 12.66 -25.86 -19.34
CA ALA A 81 13.76 -25.09 -18.75
C ALA A 81 13.67 -25.07 -17.23
N ASP A 82 14.86 -25.08 -16.60
CA ASP A 82 14.99 -24.81 -15.18
C ASP A 82 15.14 -23.31 -15.01
N LEU A 83 14.24 -22.74 -14.15
CA LEU A 83 14.27 -21.29 -13.97
C LEU A 83 14.93 -20.91 -12.65
N THR A 84 15.62 -21.84 -11.97
CA THR A 84 16.53 -21.51 -10.88
C THR A 84 17.58 -20.52 -11.38
N ASN A 85 17.97 -19.57 -10.51
CA ASN A 85 18.98 -18.59 -10.87
C ASN A 85 20.34 -19.30 -10.97
N SER A 86 21.06 -18.90 -12.03
CA SER A 86 22.42 -19.38 -12.27
C SER A 86 22.99 -18.51 -13.37
N ASN A 87 24.30 -18.69 -13.63
CA ASN A 87 24.90 -17.91 -14.71
C ASN A 87 24.39 -18.31 -16.09
N VAL A 88 23.65 -19.41 -16.18
CA VAL A 88 23.02 -19.77 -17.43
C VAL A 88 21.53 -19.46 -17.47
N LEU A 89 20.96 -18.90 -16.37
CA LEU A 89 19.53 -18.62 -16.50
C LEU A 89 19.21 -17.61 -17.61
N PRO A 90 20.01 -16.55 -17.88
CA PRO A 90 19.65 -15.67 -18.99
C PRO A 90 19.55 -16.34 -20.36
N ALA A 91 20.41 -17.34 -20.60
CA ALA A 91 20.33 -18.11 -21.81
C ALA A 91 19.05 -18.95 -21.85
N SER A 92 18.66 -19.59 -20.72
CA SER A 92 17.44 -20.37 -20.64
C SER A 92 16.21 -19.51 -20.92
N CYS A 93 16.24 -18.27 -20.37
CA CYS A 93 15.11 -17.37 -20.56
C CYS A 93 15.05 -16.89 -22.01
N GLU A 94 16.21 -16.59 -22.60
CA GLU A 94 16.29 -16.19 -24.00
C GLU A 94 15.75 -17.33 -24.87
N GLU A 95 16.07 -18.58 -24.51
CA GLU A 95 15.61 -19.75 -25.26
C GLU A 95 14.09 -19.91 -25.22
N ILE A 96 13.46 -19.70 -24.04
CA ILE A 96 12.00 -19.77 -23.95
C ILE A 96 11.37 -18.81 -24.95
N ILE A 97 11.80 -17.54 -24.95
CA ILE A 97 11.23 -16.54 -25.83
C ILE A 97 11.55 -16.93 -27.27
N ASN A 98 12.78 -17.39 -27.48
CA ASN A 98 13.14 -17.78 -28.86
C ASN A 98 12.29 -18.93 -29.37
N SER A 99 11.87 -19.87 -28.51
CA SER A 99 11.04 -20.98 -28.91
CA SER A 99 11.03 -20.98 -28.89
C SER A 99 9.70 -20.48 -29.46
N CYS A 100 9.21 -19.35 -28.91
CA CYS A 100 7.97 -18.79 -29.40
C CYS A 100 8.17 -18.25 -30.81
N PHE A 101 9.23 -17.50 -31.00
CA PHE A 101 9.45 -16.96 -32.34
C PHE A 101 9.73 -18.10 -33.33
N ARG A 102 10.43 -19.15 -32.87
CA ARG A 102 10.77 -20.23 -33.79
C ARG A 102 9.48 -20.92 -34.28
N ALA A 103 8.57 -21.24 -33.34
CA ALA A 103 7.33 -21.93 -33.63
C ALA A 103 6.32 -21.07 -34.38
N PHE A 104 6.18 -19.77 -34.01
CA PHE A 104 5.03 -18.98 -34.41
C PHE A 104 5.37 -17.67 -35.10
N GLY A 105 6.63 -17.22 -35.09
CA GLY A 105 7.15 -16.04 -35.75
C GLY A 105 6.80 -14.73 -35.05
N ARG A 106 6.30 -14.85 -33.81
CA ARG A 106 5.96 -13.66 -33.03
C ARG A 106 5.79 -14.10 -31.59
N CYS A 107 5.72 -13.10 -30.68
CA CYS A 107 5.46 -13.42 -29.28
C CYS A 107 4.77 -12.18 -28.68
N ASP A 108 3.48 -12.33 -28.42
CA ASP A 108 2.62 -11.20 -28.09
C ASP A 108 2.40 -11.12 -26.57
N VAL A 109 2.42 -12.27 -25.91
CA VAL A 109 2.08 -12.33 -24.49
C VAL A 109 3.09 -13.21 -23.76
N LEU A 110 3.54 -12.72 -22.59
CA LEU A 110 4.33 -13.52 -21.64
C LEU A 110 3.56 -13.64 -20.32
N VAL A 111 3.32 -14.87 -19.85
CA VAL A 111 2.72 -15.08 -18.53
C VAL A 111 3.77 -15.71 -17.61
N ASN A 112 4.20 -14.96 -16.57
CA ASN A 112 5.20 -15.47 -15.65
C ASN A 112 4.45 -16.16 -14.51
N ASN A 113 4.30 -17.48 -14.59
CA ASN A 113 3.45 -18.25 -13.70
C ASN A 113 4.30 -19.21 -12.87
N ALA A 114 5.42 -19.75 -13.44
CA ALA A 114 6.20 -20.73 -12.69
C ALA A 114 6.66 -20.19 -11.34
N SER A 115 6.76 -21.05 -10.33
CA SER A 115 7.10 -20.58 -9.01
C SER A 115 7.45 -21.76 -8.11
N ALA A 116 8.61 -21.67 -7.42
CA ALA A 116 8.94 -22.54 -6.30
C ALA A 116 8.37 -21.97 -5.02
N PHE A 117 7.98 -22.86 -4.09
CA PHE A 117 7.35 -22.47 -2.85
C PHE A 117 7.65 -23.53 -1.79
N TYR A 118 8.38 -23.13 -0.73
CA TYR A 118 8.66 -24.01 0.40
C TYR A 118 9.30 -23.15 1.48
N PRO A 119 9.24 -23.60 2.75
CA PRO A 119 9.70 -22.79 3.87
C PRO A 119 11.22 -22.70 3.93
N THR A 120 11.68 -21.53 4.37
CA THR A 120 13.09 -21.24 4.58
C THR A 120 13.18 -20.58 5.95
N PRO A 121 13.10 -21.30 7.10
CA PRO A 121 13.07 -20.68 8.42
C PRO A 121 14.37 -19.94 8.71
N LEU A 122 14.26 -18.79 9.41
CA LEU A 122 15.43 -17.98 9.75
C LEU A 122 16.25 -18.63 10.88
N VAL A 123 15.59 -19.40 11.76
CA VAL A 123 16.27 -20.01 12.89
C VAL A 123 16.14 -21.53 12.78
N GLN A 124 17.27 -22.22 13.00
CA GLN A 124 17.40 -23.66 12.78
C GLN A 124 16.78 -24.42 13.95
N LYS A 134 18.87 -28.98 1.09
CA LYS A 134 19.44 -27.97 0.16
C LYS A 134 20.19 -26.91 0.96
N THR A 135 21.31 -26.44 0.41
CA THR A 135 22.04 -25.33 0.99
C THR A 135 21.19 -24.07 0.85
N VAL A 136 21.50 -23.10 1.72
CA VAL A 136 20.75 -21.85 1.65
C VAL A 136 20.99 -21.18 0.30
N GLU A 137 22.18 -21.31 -0.29
CA GLU A 137 22.40 -20.67 -1.60
C GLU A 137 21.52 -21.32 -2.69
N THR A 138 21.27 -22.63 -2.59
CA THR A 138 20.31 -23.25 -3.51
C THR A 138 18.88 -22.76 -3.28
N GLN A 139 18.47 -22.58 -2.01
CA GLN A 139 17.15 -22.03 -1.70
C GLN A 139 16.99 -20.62 -2.30
N VAL A 140 17.99 -19.79 -2.11
CA VAL A 140 17.95 -18.45 -2.70
C VAL A 140 17.80 -18.54 -4.22
N ALA A 141 18.65 -19.37 -4.88
CA ALA A 141 18.63 -19.49 -6.32
C ALA A 141 17.26 -19.98 -6.81
N GLU A 142 16.66 -20.92 -6.09
CA GLU A 142 15.39 -21.45 -6.56
C GLU A 142 14.23 -20.50 -6.29
N LEU A 143 14.10 -20.02 -5.05
CA LEU A 143 12.93 -19.20 -4.69
C LEU A 143 13.04 -17.80 -5.30
N ILE A 144 14.20 -17.17 -5.29
CA ILE A 144 14.31 -15.83 -5.85
C ILE A 144 14.39 -15.97 -7.37
N GLY A 145 15.07 -17.03 -7.84
CA GLY A 145 15.18 -17.24 -9.29
C GLY A 145 13.82 -17.48 -9.95
N THR A 146 13.07 -18.48 -9.51
CA THR A 146 11.82 -18.72 -10.22
C THR A 146 10.83 -17.57 -10.03
N ASN A 147 10.79 -16.97 -8.82
CA ASN A 147 9.72 -16.01 -8.56
C ASN A 147 10.04 -14.59 -9.07
N ALA A 148 11.33 -14.26 -9.26
CA ALA A 148 11.68 -12.86 -9.52
C ALA A 148 12.71 -12.78 -10.64
N ILE A 149 13.86 -13.51 -10.56
CA ILE A 149 14.92 -13.26 -11.54
CA ILE A 149 14.91 -13.28 -11.53
C ILE A 149 14.54 -13.80 -12.93
N ALA A 150 13.94 -14.97 -13.01
CA ALA A 150 13.50 -15.52 -14.29
C ALA A 150 12.41 -14.64 -14.93
N PRO A 151 11.41 -14.15 -14.17
CA PRO A 151 10.52 -13.15 -14.75
C PRO A 151 11.22 -11.93 -15.31
N PHE A 152 12.22 -11.41 -14.59
CA PHE A 152 12.94 -10.26 -15.09
C PHE A 152 13.65 -10.60 -16.41
N LEU A 153 14.37 -11.70 -16.40
CA LEU A 153 15.11 -12.06 -17.63
C LEU A 153 14.18 -12.38 -18.82
N LEU A 154 13.08 -13.05 -18.54
CA LEU A 154 12.03 -13.31 -19.55
C LEU A 154 11.43 -12.03 -20.08
N THR A 155 11.23 -11.05 -19.18
CA THR A 155 10.80 -9.73 -19.61
C THR A 155 11.82 -9.03 -20.51
N MET A 156 13.11 -9.06 -20.12
CA MET A 156 14.17 -8.50 -20.95
CA MET A 156 14.15 -8.49 -20.95
C MET A 156 14.15 -9.13 -22.34
N SER A 157 14.13 -10.48 -22.39
CA SER A 157 14.19 -11.20 -23.67
C SER A 157 12.95 -10.91 -24.52
N PHE A 158 11.78 -10.87 -23.87
CA PHE A 158 10.55 -10.52 -24.58
C PHE A 158 10.66 -9.12 -25.19
N ALA A 159 11.07 -8.12 -24.40
CA ALA A 159 11.12 -6.76 -24.88
C ALA A 159 12.14 -6.59 -26.00
N GLN A 160 13.31 -7.25 -25.83
CA GLN A 160 14.41 -7.09 -26.78
C GLN A 160 13.99 -7.63 -28.15
N ARG A 161 13.26 -8.76 -28.12
CA ARG A 161 12.84 -9.41 -29.37
C ARG A 161 11.71 -8.68 -30.09
N GLN A 162 11.08 -7.68 -29.47
CA GLN A 162 10.03 -6.93 -30.15
C GLN A 162 10.65 -5.88 -31.08
N SER A 172 -0.32 -3.69 -32.44
CA SER A 172 -0.04 -4.88 -31.58
C SER A 172 -0.83 -4.73 -30.28
N ASN A 173 -0.99 -5.84 -29.55
CA ASN A 173 -1.43 -5.71 -28.15
C ASN A 173 -0.49 -6.60 -27.33
N LEU A 174 0.71 -6.05 -27.05
CA LEU A 174 1.71 -6.85 -26.34
C LEU A 174 1.55 -6.66 -24.84
N SER A 175 1.67 -7.76 -24.09
CA SER A 175 1.59 -7.58 -22.65
C SER A 175 2.16 -8.75 -21.90
N ILE A 176 2.55 -8.43 -20.65
CA ILE A 176 3.13 -9.41 -19.75
C ILE A 176 2.23 -9.43 -18.53
N VAL A 177 1.96 -10.62 -18.04
CA VAL A 177 1.20 -10.80 -16.79
C VAL A 177 2.01 -11.66 -15.81
N ASN A 178 2.24 -11.13 -14.61
CA ASN A 178 3.03 -11.79 -13.57
C ASN A 178 2.08 -12.35 -12.52
N LEU A 179 2.24 -13.63 -12.15
CA LEU A 179 1.46 -14.21 -11.07
C LEU A 179 2.12 -13.85 -9.75
N CYS A 180 1.41 -12.99 -9.02
CA CYS A 180 1.84 -12.39 -7.77
C CYS A 180 1.21 -13.19 -6.63
N ASP A 181 1.08 -12.59 -5.43
CA ASP A 181 0.49 -13.28 -4.29
C ASP A 181 -0.30 -12.26 -3.47
N ALA A 182 -1.61 -12.50 -3.30
CA ALA A 182 -2.41 -11.48 -2.60
C ALA A 182 -2.00 -11.33 -1.11
N MET A 183 -1.28 -12.34 -0.60
CA MET A 183 -0.98 -12.32 0.82
C MET A 183 0.47 -11.85 1.08
N VAL A 184 1.07 -11.05 0.18
CA VAL A 184 2.49 -10.74 0.33
C VAL A 184 2.73 -9.88 1.58
N ASP A 185 1.71 -9.12 2.01
CA ASP A 185 1.92 -8.31 3.19
C ASP A 185 1.39 -8.94 4.48
N GLN A 186 0.89 -10.19 4.41
CA GLN A 186 0.48 -10.96 5.58
C GLN A 186 1.01 -12.37 5.35
N PRO A 187 2.34 -12.51 5.35
CA PRO A 187 2.96 -13.71 4.79
C PRO A 187 2.83 -14.93 5.71
N CYS A 188 3.00 -16.10 5.10
CA CYS A 188 3.08 -17.33 5.88
C CYS A 188 4.38 -17.35 6.69
N MET A 189 4.25 -17.76 7.95
CA MET A 189 5.39 -17.92 8.84
C MET A 189 6.51 -18.75 8.19
N ALA A 190 7.79 -18.29 8.27
CA ALA A 190 8.94 -19.09 7.82
C ALA A 190 9.08 -19.19 6.30
N PHE A 191 8.38 -18.33 5.54
CA PHE A 191 8.50 -18.32 4.08
C PHE A 191 9.19 -17.03 3.60
N SER A 192 10.24 -16.61 4.31
CA SER A 192 10.95 -15.36 4.01
CA SER A 192 10.84 -15.32 3.97
C SER A 192 11.37 -15.28 2.54
N LEU A 193 12.09 -16.32 2.09
CA LEU A 193 12.63 -16.14 0.75
C LEU A 193 11.53 -16.11 -0.31
N TYR A 194 10.53 -16.99 -0.21
CA TYR A 194 9.39 -16.93 -1.13
C TYR A 194 8.76 -15.53 -1.12
N ASN A 195 8.54 -14.99 0.09
CA ASN A 195 7.87 -13.69 0.23
CA ASN A 195 7.88 -13.69 0.20
C ASN A 195 8.74 -12.58 -0.40
N MET A 196 10.06 -12.66 -0.19
CA MET A 196 10.96 -11.70 -0.82
C MET A 196 10.80 -11.81 -2.34
N GLY A 197 10.82 -13.03 -2.88
CA GLY A 197 10.69 -13.18 -4.34
C GLY A 197 9.38 -12.57 -4.87
N LYS A 198 8.25 -12.79 -4.17
CA LYS A 198 6.97 -12.27 -4.65
C LYS A 198 6.98 -10.74 -4.51
N HIS A 199 7.57 -10.19 -3.45
CA HIS A 199 7.66 -8.72 -3.37
C HIS A 199 8.48 -8.22 -4.54
N ALA A 200 9.63 -8.90 -4.84
CA ALA A 200 10.45 -8.41 -5.95
C ALA A 200 9.63 -8.46 -7.24
N LEU A 201 8.77 -9.44 -7.40
CA LEU A 201 7.90 -9.51 -8.59
C LEU A 201 6.91 -8.36 -8.71
N VAL A 202 6.43 -7.80 -7.59
CA VAL A 202 5.63 -6.58 -7.64
C VAL A 202 6.52 -5.43 -8.13
N GLY A 203 7.76 -5.37 -7.61
CA GLY A 203 8.63 -4.31 -8.09
C GLY A 203 8.93 -4.39 -9.57
N LEU A 204 9.12 -5.61 -10.04
CA LEU A 204 9.34 -5.78 -11.46
C LEU A 204 8.11 -5.34 -12.27
N THR A 205 6.92 -5.75 -11.80
CA THR A 205 5.69 -5.39 -12.53
C THR A 205 5.64 -3.86 -12.70
N GLN A 206 5.88 -3.12 -11.59
CA GLN A 206 5.85 -1.66 -11.64
C GLN A 206 6.96 -1.13 -12.55
N SER A 207 8.23 -1.52 -12.28
CA SER A 207 9.34 -0.97 -13.04
C SER A 207 9.23 -1.28 -14.55
N ALA A 208 8.86 -2.51 -14.88
CA ALA A 208 8.76 -2.86 -16.30
C ALA A 208 7.59 -2.14 -16.97
N ALA A 209 6.49 -1.93 -16.22
CA ALA A 209 5.34 -1.23 -16.78
C ALA A 209 5.81 0.18 -17.13
N LEU A 210 6.57 0.86 -16.25
CA LEU A 210 7.05 2.22 -16.55
C LEU A 210 7.97 2.23 -17.77
N GLU A 211 8.94 1.31 -17.77
CA GLU A 211 9.98 1.32 -18.79
C GLU A 211 9.51 0.84 -20.16
N LEU A 212 8.58 -0.12 -20.23
CA LEU A 212 8.17 -0.70 -21.50
C LEU A 212 6.93 -0.03 -22.09
N ALA A 213 6.28 0.88 -21.33
CA ALA A 213 5.09 1.59 -21.87
C ALA A 213 5.39 2.30 -23.20
N PRO A 214 6.52 3.01 -23.36
CA PRO A 214 6.79 3.63 -24.67
C PRO A 214 6.95 2.64 -25.82
N TYR A 215 7.14 1.35 -25.55
CA TYR A 215 7.18 0.35 -26.62
C TYR A 215 5.79 -0.28 -26.82
N GLY A 216 4.78 0.21 -26.09
CA GLY A 216 3.45 -0.37 -26.18
C GLY A 216 3.29 -1.72 -25.48
N ILE A 217 4.19 -2.02 -24.52
CA ILE A 217 4.07 -3.30 -23.83
C ILE A 217 3.47 -2.98 -22.44
N ARG A 218 2.37 -3.64 -22.11
CA ARG A 218 1.71 -3.37 -20.83
C ARG A 218 2.17 -4.48 -19.89
N VAL A 219 2.37 -4.13 -18.61
CA VAL A 219 2.84 -5.13 -17.66
C VAL A 219 1.93 -5.09 -16.43
N ASN A 220 1.33 -6.23 -16.09
CA ASN A 220 0.37 -6.26 -15.01
C ASN A 220 0.54 -7.56 -14.22
N GLY A 221 -0.21 -7.68 -13.12
CA GLY A 221 -0.14 -8.88 -12.31
C GLY A 221 -1.52 -9.37 -11.93
N VAL A 222 -1.65 -10.65 -11.62
CA VAL A 222 -2.80 -11.27 -11.00
C VAL A 222 -2.30 -11.91 -9.70
N ALA A 223 -2.96 -11.57 -8.59
CA ALA A 223 -2.52 -12.01 -7.28
C ALA A 223 -3.56 -12.94 -6.63
N PRO A 224 -3.41 -14.27 -6.73
CA PRO A 224 -4.31 -15.22 -6.05
C PRO A 224 -4.12 -15.14 -4.55
N GLY A 225 -5.14 -15.58 -3.80
N GLY A 225 -5.24 -15.43 -3.87
CA GLY A 225 -5.03 -15.73 -2.35
CA GLY A 225 -5.27 -15.87 -2.49
C GLY A 225 -4.80 -17.20 -2.01
C GLY A 225 -4.92 -17.36 -2.47
N VAL A 226 -5.93 -17.94 -1.98
N VAL A 226 -5.76 -18.15 -1.78
CA VAL A 226 -5.89 -19.39 -2.01
CA VAL A 226 -5.60 -19.58 -1.91
C VAL A 226 -6.55 -19.85 -3.30
C VAL A 226 -6.46 -20.04 -3.08
N SER A 227 -5.79 -20.61 -4.08
CA SER A 227 -6.37 -21.24 -5.24
C SER A 227 -6.04 -22.71 -5.02
N LEU A 228 -5.73 -23.44 -6.08
CA LEU A 228 -5.46 -24.87 -5.90
C LEU A 228 -4.38 -25.08 -4.83
N LEU A 229 -4.76 -25.83 -3.79
CA LEU A 229 -3.91 -25.99 -2.62
C LEU A 229 -2.79 -26.98 -2.96
N PRO A 230 -1.67 -27.02 -2.19
CA PRO A 230 -0.54 -27.89 -2.56
C PRO A 230 -1.02 -29.33 -2.54
N VAL A 231 -0.58 -30.12 -3.55
CA VAL A 231 -0.87 -31.55 -3.67
C VAL A 231 -0.52 -32.29 -2.36
N ALA A 232 0.56 -31.87 -1.69
CA ALA A 232 1.06 -32.54 -0.50
C ALA A 232 0.24 -32.23 0.75
N MET A 233 -0.70 -31.27 0.66
CA MET A 233 -1.39 -30.83 1.87
C MET A 233 -2.51 -31.82 2.22
N GLY A 234 -2.65 -32.13 3.52
CA GLY A 234 -3.75 -32.94 4.04
C GLY A 234 -5.10 -32.22 4.00
N GLU A 235 -6.18 -33.00 4.09
CA GLU A 235 -7.53 -32.50 3.84
C GLU A 235 -7.94 -31.52 4.95
N GLU A 236 -7.63 -31.88 6.21
CA GLU A 236 -7.94 -31.02 7.34
C GLU A 236 -7.30 -29.65 7.15
N GLU A 237 -6.05 -29.62 6.66
CA GLU A 237 -5.31 -28.37 6.54
C GLU A 237 -5.91 -27.57 5.39
N LYS A 238 -6.26 -28.28 4.31
CA LYS A 238 -6.93 -27.63 3.18
C LYS A 238 -8.21 -26.94 3.62
N ASP A 239 -8.98 -27.60 4.51
CA ASP A 239 -10.26 -27.06 4.94
C ASP A 239 -10.06 -25.88 5.88
N LYS A 240 -8.93 -25.87 6.59
CA LYS A 240 -8.55 -24.75 7.45
C LYS A 240 -8.46 -23.49 6.58
N TRP A 241 -7.80 -23.61 5.43
CA TRP A 241 -7.61 -22.46 4.55
C TRP A 241 -8.94 -22.07 3.90
N ARG A 242 -9.71 -23.07 3.47
CA ARG A 242 -10.99 -22.78 2.81
C ARG A 242 -11.90 -21.94 3.71
N ARG A 243 -11.91 -22.25 5.02
CA ARG A 243 -12.86 -21.64 5.94
C ARG A 243 -12.51 -20.17 6.23
N LYS A 244 -11.29 -19.76 5.84
CA LYS A 244 -10.86 -18.38 6.06
C LYS A 244 -11.42 -17.45 4.97
N VAL A 245 -11.87 -18.00 3.83
CA VAL A 245 -12.15 -17.14 2.67
C VAL A 245 -13.57 -16.60 2.80
N PRO A 246 -13.77 -15.26 2.89
CA PRO A 246 -15.12 -14.69 3.00
C PRO A 246 -16.06 -15.12 1.89
N LEU A 247 -15.63 -15.07 0.61
CA LEU A 247 -16.55 -15.27 -0.51
C LEU A 247 -16.60 -16.77 -0.83
N GLY A 248 -17.45 -17.47 -0.09
CA GLY A 248 -17.79 -18.83 -0.46
C GLY A 248 -17.06 -19.89 0.35
N ARG A 249 -16.11 -19.49 1.22
CA ARG A 249 -15.39 -20.42 2.06
C ARG A 249 -14.77 -21.51 1.19
N ARG A 250 -14.17 -21.10 0.06
CA ARG A 250 -13.56 -22.08 -0.82
C ARG A 250 -12.39 -21.39 -1.51
N GLU A 251 -11.44 -22.20 -2.02
CA GLU A 251 -10.34 -21.76 -2.87
C GLU A 251 -10.82 -21.36 -4.26
N ALA A 252 -10.04 -20.48 -4.94
CA ALA A 252 -10.29 -20.17 -6.34
C ALA A 252 -10.01 -21.41 -7.18
N SER A 253 -10.85 -21.62 -8.18
CA SER A 253 -10.45 -22.55 -9.24
C SER A 253 -9.28 -21.96 -10.06
N ALA A 254 -8.51 -22.85 -10.72
CA ALA A 254 -7.49 -22.35 -11.64
C ALA A 254 -8.14 -21.50 -12.71
N GLU A 255 -9.38 -21.85 -13.14
CA GLU A 255 -10.00 -21.12 -14.24
C GLU A 255 -10.35 -19.68 -13.83
N GLN A 256 -10.71 -19.51 -12.56
CA GLN A 256 -11.00 -18.16 -12.05
C GLN A 256 -9.76 -17.26 -12.06
N ILE A 257 -8.60 -17.84 -11.75
CA ILE A 257 -7.35 -17.08 -11.89
C ILE A 257 -7.06 -16.75 -13.36
N ALA A 258 -7.22 -17.78 -14.21
CA ALA A 258 -7.00 -17.61 -15.63
C ALA A 258 -7.88 -16.52 -16.21
N ASP A 259 -9.13 -16.42 -15.71
CA ASP A 259 -10.03 -15.39 -16.23
C ASP A 259 -9.46 -13.98 -16.03
N ALA A 260 -8.78 -13.74 -14.89
CA ALA A 260 -8.16 -12.41 -14.73
C ALA A 260 -6.99 -12.17 -15.68
N VAL A 261 -6.18 -13.23 -15.93
CA VAL A 261 -5.12 -13.10 -16.93
C VAL A 261 -5.68 -12.75 -18.30
N ILE A 262 -6.75 -13.48 -18.70
CA ILE A 262 -7.42 -13.24 -19.99
C ILE A 262 -7.88 -11.79 -20.12
N PHE A 263 -8.46 -11.24 -19.03
CA PHE A 263 -8.84 -9.85 -19.07
C PHE A 263 -7.65 -8.92 -19.33
N LEU A 264 -6.53 -9.14 -18.61
CA LEU A 264 -5.42 -8.21 -18.68
C LEU A 264 -4.72 -8.28 -20.04
N VAL A 265 -4.77 -9.45 -20.70
CA VAL A 265 -4.16 -9.49 -22.05
C VAL A 265 -5.08 -8.98 -23.17
N SER A 266 -6.36 -8.82 -22.85
CA SER A 266 -7.43 -8.50 -23.81
C SER A 266 -7.43 -7.03 -24.23
N GLY A 267 -8.18 -6.71 -25.31
CA GLY A 267 -8.38 -5.32 -25.74
C GLY A 267 -9.19 -4.48 -24.76
N SER A 268 -9.83 -5.11 -23.78
CA SER A 268 -10.60 -4.46 -22.74
C SER A 268 -9.70 -3.92 -21.63
N ALA A 269 -8.38 -4.15 -21.75
CA ALA A 269 -7.43 -3.70 -20.72
C ALA A 269 -6.34 -2.82 -21.33
N GLN A 270 -6.58 -2.18 -22.49
CA GLN A 270 -5.47 -1.55 -23.19
CA GLN A 270 -5.59 -1.46 -23.27
C GLN A 270 -4.98 -0.26 -22.54
N TYR A 271 -5.69 0.27 -21.50
CA TYR A 271 -5.10 1.42 -20.80
C TYR A 271 -4.59 0.95 -19.42
N ILE A 272 -4.57 -0.35 -19.17
CA ILE A 272 -4.15 -0.83 -17.85
C ILE A 272 -2.67 -1.25 -17.91
N THR A 273 -1.82 -0.62 -17.08
CA THR A 273 -0.46 -1.12 -16.96
C THR A 273 -0.01 -0.85 -15.53
N GLY A 274 0.79 -1.76 -14.94
CA GLY A 274 1.32 -1.53 -13.60
C GLY A 274 0.30 -1.87 -12.53
N SER A 275 -0.81 -2.52 -12.91
CA SER A 275 -1.89 -2.88 -11.99
C SER A 275 -1.76 -4.33 -11.59
N ILE A 276 -2.10 -4.65 -10.34
CA ILE A 276 -2.18 -6.02 -9.90
C ILE A 276 -3.58 -6.30 -9.39
N ILE A 277 -4.22 -7.30 -9.99
CA ILE A 277 -5.61 -7.63 -9.69
C ILE A 277 -5.60 -8.75 -8.66
N LYS A 278 -6.10 -8.51 -7.45
CA LYS A 278 -6.22 -9.60 -6.49
C LYS A 278 -7.42 -10.44 -6.87
N VAL A 279 -7.20 -11.77 -6.82
CA VAL A 279 -8.26 -12.71 -7.06
C VAL A 279 -8.28 -13.63 -5.83
N ASP A 280 -8.88 -13.16 -4.74
CA ASP A 280 -8.63 -13.82 -3.47
C ASP A 280 -9.90 -14.05 -2.65
N GLY A 281 -11.09 -13.75 -3.21
CA GLY A 281 -12.33 -13.96 -2.46
C GLY A 281 -12.39 -13.20 -1.13
N GLY A 282 -11.59 -12.13 -1.02
CA GLY A 282 -11.67 -11.32 0.19
C GLY A 282 -10.63 -11.75 1.24
N LEU A 283 -9.84 -12.81 0.99
CA LEU A 283 -8.98 -13.36 2.04
C LEU A 283 -8.04 -12.34 2.66
N SER A 284 -7.46 -11.42 1.85
CA SER A 284 -6.46 -10.51 2.38
C SER A 284 -7.13 -9.45 3.26
N LEU A 285 -8.47 -9.36 3.25
CA LEU A 285 -9.17 -8.34 4.05
C LEU A 285 -9.36 -8.82 5.47
N VAL A 286 -9.09 -10.11 5.71
CA VAL A 286 -9.48 -10.77 6.97
C VAL A 286 -8.41 -10.60 8.04
N HIS A 287 -8.75 -9.98 9.18
CA HIS A 287 -7.73 -9.81 10.22
C HIS A 287 -7.43 -11.15 10.94
N ALA A 288 -6.34 -11.18 11.72
CA ALA A 288 -5.90 -12.36 12.47
C ALA A 288 -7.02 -12.84 13.39
N GLU B 22 9.90 30.79 25.45
CA GLU B 22 8.81 30.18 26.26
C GLU B 22 8.74 28.69 25.91
N ALA B 23 7.97 27.95 26.72
CA ALA B 23 7.73 26.55 26.48
C ALA B 23 6.75 26.46 25.31
N PRO B 24 6.87 25.44 24.42
CA PRO B 24 5.89 25.28 23.35
C PRO B 24 4.60 24.77 23.98
N ALA B 25 3.51 24.80 23.18
CA ALA B 25 2.20 24.37 23.63
C ALA B 25 1.55 23.40 22.64
N ALA B 26 0.75 22.50 23.19
CA ALA B 26 0.14 21.48 22.34
C ALA B 26 -1.35 21.41 22.67
N VAL B 27 -2.16 21.07 21.66
CA VAL B 27 -3.54 20.66 21.86
C VAL B 27 -3.62 19.15 21.71
N VAL B 28 -4.23 18.42 22.64
CA VAL B 28 -4.52 16.99 22.48
C VAL B 28 -6.03 16.76 22.59
N THR B 29 -6.69 16.24 21.52
CA THR B 29 -8.12 16.03 21.60
C THR B 29 -8.36 14.73 22.34
N GLY B 30 -9.46 14.67 23.03
CA GLY B 30 -9.83 13.50 23.82
C GLY B 30 -8.75 13.10 24.82
N ALA B 31 -8.26 14.07 25.58
CA ALA B 31 -7.05 13.88 26.40
C ALA B 31 -7.37 13.58 27.87
N ALA B 32 -8.64 13.40 28.26
CA ALA B 32 -8.92 13.17 29.68
C ALA B 32 -8.47 11.80 30.19
N LYS B 33 -8.48 10.77 29.33
CA LYS B 33 -8.27 9.40 29.79
C LYS B 33 -7.46 8.68 28.73
N ARG B 34 -6.97 7.49 29.08
CA ARG B 34 -6.52 6.53 28.07
C ARG B 34 -5.35 7.09 27.24
N ILE B 35 -5.35 6.82 25.92
CA ILE B 35 -4.21 7.20 25.08
C ILE B 35 -4.04 8.72 25.04
N GLY B 36 -5.13 9.47 25.01
CA GLY B 36 -4.98 10.91 24.91
C GLY B 36 -4.31 11.48 26.17
N ARG B 37 -4.67 10.91 27.32
CA ARG B 37 -4.06 11.36 28.55
C ARG B 37 -2.59 10.98 28.55
N ALA B 38 -2.27 9.78 28.06
CA ALA B 38 -0.85 9.43 28.07
C ALA B 38 -0.02 10.37 27.18
N ILE B 39 -0.57 10.78 26.02
CA ILE B 39 0.08 11.73 25.14
C ILE B 39 0.24 13.11 25.79
N ALA B 40 -0.85 13.63 26.38
CA ALA B 40 -0.73 14.89 27.12
C ALA B 40 0.33 14.83 28.23
N VAL B 41 0.31 13.77 29.02
CA VAL B 41 1.28 13.67 30.12
C VAL B 41 2.69 13.65 29.56
N LYS B 42 2.92 12.85 28.50
CA LYS B 42 4.25 12.74 27.95
C LYS B 42 4.70 14.06 27.30
N LEU B 43 3.81 14.79 26.65
CA LEU B 43 4.22 16.09 26.11
C LEU B 43 4.50 17.01 27.31
N HIS B 44 3.69 16.90 28.38
CA HIS B 44 3.92 17.81 29.51
C HIS B 44 5.31 17.52 30.12
N GLN B 45 5.62 16.23 30.33
CA GLN B 45 6.91 15.81 30.89
C GLN B 45 8.09 16.20 29.98
N THR B 46 7.86 16.38 28.68
CA THR B 46 8.83 16.85 27.70
C THR B 46 8.98 18.36 27.78
N GLY B 47 8.06 19.05 28.47
CA GLY B 47 8.23 20.50 28.58
C GLY B 47 7.13 21.32 27.91
N TYR B 48 6.10 20.65 27.36
CA TYR B 48 5.03 21.39 26.70
C TYR B 48 4.04 21.86 27.76
N ARG B 49 3.36 22.96 27.43
CA ARG B 49 2.10 23.35 28.00
C ARG B 49 0.99 22.73 27.14
N VAL B 50 -0.09 22.27 27.78
CA VAL B 50 -1.07 21.47 27.04
CA VAL B 50 -1.07 21.45 27.08
C VAL B 50 -2.48 22.02 27.23
N VAL B 51 -3.28 21.92 26.18
CA VAL B 51 -4.74 22.02 26.26
C VAL B 51 -5.33 20.62 26.25
N ILE B 52 -6.04 20.26 27.32
CA ILE B 52 -6.64 18.96 27.43
C ILE B 52 -8.08 19.11 26.93
N HIS B 53 -8.34 18.74 25.68
CA HIS B 53 -9.69 18.76 25.15
C HIS B 53 -10.45 17.55 25.72
N TYR B 54 -11.77 17.72 25.94
CA TYR B 54 -12.60 16.60 26.34
C TYR B 54 -14.03 16.90 25.87
N HIS B 55 -14.86 15.86 25.89
CA HIS B 55 -16.24 16.01 25.49
C HIS B 55 -17.10 15.78 26.73
N ASN B 56 -17.15 14.52 27.18
CA ASN B 56 -17.99 14.11 28.31
C ASN B 56 -17.20 14.00 29.62
N SER B 57 -15.87 13.84 29.57
CA SER B 57 -15.09 13.44 30.74
C SER B 57 -14.53 14.67 31.48
N ALA B 58 -15.42 15.55 31.99
CA ALA B 58 -15.01 16.79 32.62
C ALA B 58 -14.23 16.55 33.90
N GLU B 59 -14.68 15.61 34.75
CA GLU B 59 -14.05 15.36 36.03
C GLU B 59 -12.61 14.88 35.78
N ALA B 60 -12.47 13.89 34.88
CA ALA B 60 -11.17 13.31 34.58
C ALA B 60 -10.26 14.38 33.94
N ALA B 61 -10.82 15.28 33.12
CA ALA B 61 -10.05 16.31 32.44
C ALA B 61 -9.47 17.37 33.40
N VAL B 62 -10.34 17.88 34.28
CA VAL B 62 -9.92 18.87 35.26
C VAL B 62 -8.92 18.24 36.26
N SER B 63 -9.13 16.98 36.64
CA SER B 63 -8.23 16.27 37.54
C SER B 63 -6.82 16.17 36.94
N LEU B 64 -6.73 15.84 35.64
CA LEU B 64 -5.44 15.76 34.96
C LEU B 64 -4.79 17.14 34.90
N ALA B 65 -5.58 18.16 34.57
CA ALA B 65 -5.02 19.50 34.46
C ALA B 65 -4.50 19.96 35.84
N ASP B 66 -5.27 19.67 36.90
CA ASP B 66 -4.80 19.93 38.26
C ASP B 66 -3.47 19.25 38.55
N GLU B 67 -3.31 17.96 38.21
CA GLU B 67 -2.05 17.25 38.47
C GLU B 67 -0.90 17.91 37.70
N LEU B 68 -1.13 18.30 36.46
CA LEU B 68 -0.05 18.88 35.65
C LEU B 68 0.31 20.26 36.16
N ASN B 69 -0.67 21.03 36.65
CA ASN B 69 -0.41 22.40 37.08
C ASN B 69 0.34 22.37 38.42
N LYS B 70 0.12 21.31 39.20
CA LYS B 70 0.85 21.15 40.48
C LYS B 70 2.29 20.83 40.18
N GLU B 71 2.56 20.15 39.07
CA GLU B 71 3.94 19.86 38.71
C GLU B 71 4.61 21.15 38.22
N ARG B 72 3.93 21.92 37.37
CA ARG B 72 4.43 23.19 36.87
C ARG B 72 3.25 24.15 36.72
N SER B 73 3.26 25.25 37.48
CA SER B 73 2.10 26.12 37.47
C SER B 73 1.84 26.76 36.10
N ASN B 74 0.53 26.81 35.74
CA ASN B 74 -0.01 27.51 34.58
C ASN B 74 0.43 26.80 33.28
N THR B 75 0.45 25.47 33.34
CA THR B 75 0.95 24.75 32.16
C THR B 75 -0.14 23.86 31.56
N ALA B 76 -1.33 23.78 32.15
CA ALA B 76 -2.38 22.93 31.60
C ALA B 76 -3.73 23.65 31.71
N VAL B 77 -4.52 23.64 30.62
CA VAL B 77 -5.92 24.07 30.66
C VAL B 77 -6.80 22.98 30.08
N VAL B 78 -8.12 23.07 30.33
CA VAL B 78 -9.07 22.19 29.65
C VAL B 78 -9.85 22.96 28.61
N CYS B 79 -10.43 22.22 27.65
CA CYS B 79 -11.32 22.83 26.67
C CYS B 79 -12.39 21.80 26.29
N GLN B 80 -13.68 22.14 26.50
CA GLN B 80 -14.75 21.21 26.17
C GLN B 80 -15.24 21.42 24.72
N ALA B 81 -15.47 20.31 23.99
CA ALA B 81 -16.12 20.38 22.68
C ALA B 81 -16.61 19.00 22.24
N ASP B 82 -17.83 18.99 21.68
CA ASP B 82 -18.35 17.88 20.91
C ASP B 82 -17.74 18.01 19.51
N LEU B 83 -17.13 16.91 19.04
CA LEU B 83 -16.52 16.93 17.72
C LEU B 83 -17.35 16.17 16.70
N THR B 84 -18.61 15.88 17.02
CA THR B 84 -19.57 15.39 16.02
C THR B 84 -19.71 16.42 14.89
N ASN B 85 -19.87 15.97 13.63
CA ASN B 85 -20.03 16.93 12.53
C ASN B 85 -21.38 17.65 12.63
N SER B 86 -21.35 18.96 12.41
CA SER B 86 -22.56 19.77 12.33
C SER B 86 -22.18 21.11 11.72
N ASN B 87 -23.17 21.99 11.51
CA ASN B 87 -22.84 23.29 10.94
C ASN B 87 -22.04 24.16 11.91
N VAL B 88 -21.96 23.81 13.20
CA VAL B 88 -21.16 24.54 14.16
C VAL B 88 -19.79 23.90 14.42
N LEU B 89 -19.55 22.68 13.91
CA LEU B 89 -18.24 22.09 14.20
C LEU B 89 -17.09 23.01 13.79
N PRO B 90 -17.08 23.73 12.63
CA PRO B 90 -15.95 24.60 12.33
C PRO B 90 -15.65 25.61 13.43
N ALA B 91 -16.71 26.20 13.98
CA ALA B 91 -16.50 27.13 15.08
C ALA B 91 -15.95 26.45 16.35
N SER B 92 -16.41 25.23 16.68
CA SER B 92 -15.88 24.49 17.81
C SER B 92 -14.38 24.21 17.66
N CYS B 93 -14.01 23.80 16.44
CA CYS B 93 -12.60 23.52 16.13
C CYS B 93 -11.76 24.79 16.22
N GLU B 94 -12.27 25.91 15.69
CA GLU B 94 -11.60 27.19 15.79
C GLU B 94 -11.38 27.54 17.27
N GLU B 95 -12.38 27.26 18.10
CA GLU B 95 -12.30 27.60 19.52
C GLU B 95 -11.27 26.74 20.25
N ILE B 96 -11.16 25.44 19.91
CA ILE B 96 -10.10 24.65 20.56
C ILE B 96 -8.74 25.26 20.30
N ILE B 97 -8.45 25.65 19.06
CA ILE B 97 -7.14 26.16 18.74
C ILE B 97 -6.99 27.52 19.43
N ASN B 98 -8.06 28.33 19.39
CA ASN B 98 -8.02 29.61 20.08
C ASN B 98 -7.74 29.44 21.58
N SER B 99 -8.22 28.36 22.20
CA SER B 99 -8.01 28.15 23.62
CA SER B 99 -8.01 28.15 23.62
C SER B 99 -6.52 28.05 23.92
N CYS B 100 -5.77 27.43 22.98
CA CYS B 100 -4.36 27.22 23.19
C CYS B 100 -3.68 28.60 23.11
N PHE B 101 -4.03 29.39 22.10
CA PHE B 101 -3.41 30.70 21.99
C PHE B 101 -3.82 31.65 23.13
N ARG B 102 -5.05 31.51 23.63
CA ARG B 102 -5.51 32.38 24.74
C ARG B 102 -4.72 32.05 26.02
N ALA B 103 -4.50 30.75 26.30
CA ALA B 103 -3.82 30.31 27.50
C ALA B 103 -2.31 30.55 27.40
N PHE B 104 -1.70 30.28 26.23
CA PHE B 104 -0.25 30.08 26.18
C PHE B 104 0.44 30.95 25.15
N GLY B 105 -0.31 31.58 24.24
CA GLY B 105 0.26 32.56 23.33
C GLY B 105 0.79 31.95 22.04
N ARG B 106 0.63 30.63 21.92
CA ARG B 106 1.21 29.94 20.76
C ARG B 106 0.54 28.58 20.70
N CYS B 107 0.69 27.90 19.54
CA CYS B 107 0.21 26.53 19.51
C CYS B 107 1.12 25.83 18.49
N ASP B 108 1.96 24.94 19.02
CA ASP B 108 3.02 24.32 18.24
C ASP B 108 2.64 22.96 17.71
N VAL B 109 1.81 22.24 18.45
CA VAL B 109 1.50 20.85 18.13
C VAL B 109 0.00 20.65 18.30
N LEU B 110 -0.60 19.87 17.38
CA LEU B 110 -1.98 19.40 17.42
C LEU B 110 -1.94 17.89 17.37
N VAL B 111 -2.56 17.21 18.32
CA VAL B 111 -2.68 15.76 18.28
C VAL B 111 -4.18 15.46 18.15
N ASN B 112 -4.53 14.85 17.01
CA ASN B 112 -5.94 14.48 16.76
C ASN B 112 -6.12 13.04 17.26
N ASN B 113 -6.58 12.90 18.50
CA ASN B 113 -6.71 11.61 19.18
C ASN B 113 -8.18 11.24 19.37
N ALA B 114 -9.09 12.22 19.57
CA ALA B 114 -10.48 11.88 19.90
C ALA B 114 -11.09 11.01 18.82
N SER B 115 -11.89 10.02 19.22
CA SER B 115 -12.44 9.17 18.20
C SER B 115 -13.68 8.45 18.73
N ALA B 116 -14.77 8.43 17.93
CA ALA B 116 -15.88 7.53 18.26
C ALA B 116 -15.69 6.18 17.58
N PHE B 117 -16.20 5.09 18.21
CA PHE B 117 -16.03 3.77 17.60
C PHE B 117 -17.20 2.89 18.03
N TYR B 118 -17.97 2.39 17.06
CA TYR B 118 -19.06 1.46 17.36
C TYR B 118 -19.54 0.93 16.02
N PRO B 119 -20.19 -0.24 16.02
CA PRO B 119 -20.62 -0.91 14.80
C PRO B 119 -21.74 -0.17 14.07
N THR B 120 -21.69 -0.26 12.74
CA THR B 120 -22.70 0.28 11.85
C THR B 120 -22.95 -0.76 10.78
N PRO B 121 -23.68 -1.86 11.12
CA PRO B 121 -23.87 -2.97 10.17
C PRO B 121 -24.62 -2.49 8.92
N LEU B 122 -24.22 -3.03 7.75
CA LEU B 122 -24.84 -2.68 6.49
C LEU B 122 -26.20 -3.36 6.31
N VAL B 123 -26.36 -4.54 6.93
CA VAL B 123 -27.63 -5.26 6.85
C VAL B 123 -28.23 -5.44 8.24
N GLN B 124 -29.52 -5.08 8.39
CA GLN B 124 -30.26 -5.19 9.63
C GLN B 124 -31.37 -6.23 9.50
N LYS B 134 -29.65 5.31 17.52
CA LYS B 134 -29.13 6.48 16.75
C LYS B 134 -29.55 6.32 15.29
N THR B 135 -29.92 7.42 14.65
CA THR B 135 -30.27 7.42 13.25
C THR B 135 -28.94 7.27 12.50
N VAL B 136 -29.03 6.90 11.24
CA VAL B 136 -27.79 6.65 10.48
C VAL B 136 -27.10 7.98 10.24
N GLU B 137 -27.86 9.08 10.10
CA GLU B 137 -27.23 10.36 9.89
C GLU B 137 -26.49 10.80 11.16
N THR B 138 -26.98 10.43 12.35
CA THR B 138 -26.21 10.65 13.57
C THR B 138 -24.91 9.83 13.57
N GLN B 139 -24.99 8.55 13.17
CA GLN B 139 -23.79 7.70 13.17
C GLN B 139 -22.76 8.30 12.21
N VAL B 140 -23.22 8.76 11.06
CA VAL B 140 -22.29 9.39 10.13
C VAL B 140 -21.65 10.61 10.76
N ALA B 141 -22.46 11.49 11.39
CA ALA B 141 -21.92 12.69 11.98
C ALA B 141 -20.88 12.39 13.06
N GLU B 142 -21.16 11.40 13.87
CA GLU B 142 -20.25 11.08 14.96
C GLU B 142 -19.02 10.37 14.42
N LEU B 143 -19.18 9.30 13.62
CA LEU B 143 -18.02 8.47 13.31
C LEU B 143 -17.16 9.17 12.24
N ILE B 144 -17.75 9.86 11.26
CA ILE B 144 -16.94 10.60 10.28
C ILE B 144 -16.53 11.95 10.85
N GLY B 145 -17.37 12.58 11.72
CA GLY B 145 -17.02 13.85 12.32
C GLY B 145 -15.80 13.69 13.21
N THR B 146 -15.87 12.79 14.19
CA THR B 146 -14.78 12.80 15.17
C THR B 146 -13.52 12.27 14.50
N ASN B 147 -13.66 11.27 13.61
CA ASN B 147 -12.45 10.63 13.10
C ASN B 147 -11.84 11.36 11.90
N ALA B 148 -12.58 12.20 11.18
CA ALA B 148 -12.03 12.73 9.93
C ALA B 148 -12.35 14.22 9.81
N ILE B 149 -13.63 14.65 9.98
CA ILE B 149 -13.94 16.05 9.70
CA ILE B 149 -13.93 16.04 9.69
C ILE B 149 -13.35 16.99 10.75
N ALA B 150 -13.45 16.63 12.03
CA ALA B 150 -12.88 17.50 13.08
C ALA B 150 -11.36 17.57 12.97
N PRO B 151 -10.62 16.49 12.66
CA PRO B 151 -9.18 16.64 12.38
C PRO B 151 -8.96 17.58 11.21
N PHE B 152 -9.84 17.55 10.17
CA PHE B 152 -9.60 18.46 9.04
C PHE B 152 -9.79 19.91 9.50
N LEU B 153 -10.88 20.17 10.23
CA LEU B 153 -11.17 21.54 10.60
C LEU B 153 -10.13 22.05 11.60
N LEU B 154 -9.74 21.17 12.53
CA LEU B 154 -8.68 21.54 13.46
C LEU B 154 -7.38 21.85 12.73
N THR B 155 -7.08 21.07 11.67
CA THR B 155 -5.88 21.30 10.89
C THR B 155 -5.96 22.65 10.18
N MET B 156 -7.12 22.97 9.61
CA MET B 156 -7.32 24.29 8.99
CA MET B 156 -7.31 24.28 9.00
C MET B 156 -7.11 25.40 10.02
N SER B 157 -7.72 25.28 11.22
CA SER B 157 -7.63 26.34 12.21
C SER B 157 -6.19 26.48 12.74
N PHE B 158 -5.54 25.33 12.94
CA PHE B 158 -4.15 25.33 13.42
C PHE B 158 -3.28 26.05 12.40
N ALA B 159 -3.41 25.73 11.10
CA ALA B 159 -2.59 26.35 10.07
C ALA B 159 -2.89 27.85 9.94
N GLN B 160 -4.18 28.20 9.98
CA GLN B 160 -4.54 29.60 9.75
C GLN B 160 -4.09 30.48 10.91
N ARG B 161 -4.07 29.96 12.13
CA ARG B 161 -3.67 30.76 13.28
C ARG B 161 -2.16 30.98 13.36
N GLN B 162 -1.35 30.37 12.47
CA GLN B 162 0.09 30.52 12.54
C GLN B 162 0.52 31.85 11.89
N SER B 172 11.37 27.05 15.99
CA SER B 172 9.96 26.54 15.89
C SER B 172 9.90 25.19 15.17
N ASN B 173 9.03 24.33 15.70
CA ASN B 173 8.91 23.00 15.17
C ASN B 173 7.43 22.63 15.25
N LEU B 174 6.69 23.06 14.22
CA LEU B 174 5.23 22.87 14.21
C LEU B 174 4.87 21.52 13.57
N SER B 175 3.99 20.78 14.25
CA SER B 175 3.51 19.58 13.58
C SER B 175 2.15 19.15 14.14
N ILE B 176 1.54 18.23 13.37
CA ILE B 176 0.26 17.62 13.65
C ILE B 176 0.47 16.12 13.60
N VAL B 177 -0.12 15.45 14.59
CA VAL B 177 -0.07 13.99 14.63
C VAL B 177 -1.50 13.47 14.70
N ASN B 178 -1.86 12.58 13.75
CA ASN B 178 -3.21 12.02 13.68
C ASN B 178 -3.14 10.61 14.24
N LEU B 179 -4.06 10.21 15.12
CA LEU B 179 -4.12 8.83 15.59
C LEU B 179 -4.97 8.03 14.60
N CYS B 180 -4.26 7.14 13.89
CA CYS B 180 -4.81 6.37 12.77
C CYS B 180 -5.13 4.98 13.30
N ASP B 181 -5.12 3.96 12.43
CA ASP B 181 -5.51 2.61 12.89
C ASP B 181 -4.73 1.64 12.01
N ALA B 182 -3.88 0.81 12.60
CA ALA B 182 -3.01 -0.09 11.82
C ALA B 182 -3.80 -1.16 11.05
N MET B 183 -5.05 -1.39 11.44
CA MET B 183 -5.87 -2.44 10.86
C MET B 183 -6.87 -1.88 9.85
N VAL B 184 -6.60 -0.70 9.27
CA VAL B 184 -7.60 -0.12 8.35
C VAL B 184 -7.85 -0.97 7.11
N ASP B 185 -6.85 -1.72 6.66
CA ASP B 185 -7.05 -2.57 5.51
C ASP B 185 -7.46 -4.00 5.85
N GLN B 186 -7.68 -4.32 7.12
CA GLN B 186 -8.13 -5.65 7.53
C GLN B 186 -9.18 -5.38 8.61
N PRO B 187 -10.31 -4.73 8.23
CA PRO B 187 -11.18 -4.09 9.21
C PRO B 187 -12.02 -5.08 10.05
N CYS B 188 -12.48 -4.62 11.22
CA CYS B 188 -13.43 -5.43 11.95
CA CYS B 188 -13.46 -5.33 12.03
C CYS B 188 -14.76 -5.42 11.22
N MET B 189 -15.35 -6.61 11.12
CA MET B 189 -16.65 -6.80 10.46
C MET B 189 -17.71 -5.86 11.06
N ALA B 190 -18.54 -5.22 10.20
CA ALA B 190 -19.64 -4.34 10.60
C ALA B 190 -19.23 -2.98 11.16
N PHE B 191 -17.99 -2.52 10.88
CA PHE B 191 -17.55 -1.20 11.28
C PHE B 191 -17.21 -0.33 10.08
N SER B 192 -18.10 -0.32 9.08
CA SER B 192 -17.86 0.38 7.82
CA SER B 192 -17.74 0.36 7.83
C SER B 192 -17.60 1.86 8.06
N LEU B 193 -18.49 2.50 8.84
CA LEU B 193 -18.32 3.95 8.95
C LEU B 193 -17.06 4.32 9.74
N TYR B 194 -16.79 3.61 10.84
CA TYR B 194 -15.52 3.84 11.55
C TYR B 194 -14.33 3.67 10.59
N ASN B 195 -14.37 2.60 9.80
CA ASN B 195 -13.27 2.31 8.88
CA ASN B 195 -13.25 2.35 8.92
C ASN B 195 -13.15 3.44 7.84
N MET B 196 -14.30 3.87 7.30
CA MET B 196 -14.26 4.97 6.32
C MET B 196 -13.60 6.22 6.92
N GLY B 197 -13.99 6.55 8.15
CA GLY B 197 -13.43 7.75 8.79
C GLY B 197 -11.92 7.59 9.01
N LYS B 198 -11.43 6.39 9.39
CA LYS B 198 -9.99 6.24 9.61
C LYS B 198 -9.25 6.27 8.26
N HIS B 199 -9.85 5.74 7.18
CA HIS B 199 -9.24 5.89 5.86
C HIS B 199 -9.18 7.35 5.48
N ALA B 200 -10.27 8.08 5.73
CA ALA B 200 -10.25 9.50 5.35
C ALA B 200 -9.16 10.22 6.16
N LEU B 201 -8.91 9.78 7.40
CA LEU B 201 -7.83 10.41 8.18
C LEU B 201 -6.45 10.15 7.57
N VAL B 202 -6.24 8.97 6.97
CA VAL B 202 -5.00 8.77 6.22
C VAL B 202 -4.90 9.76 5.05
N GLY B 203 -6.04 9.91 4.33
CA GLY B 203 -6.07 10.89 3.25
C GLY B 203 -5.77 12.29 3.72
N LEU B 204 -6.35 12.70 4.86
CA LEU B 204 -6.01 14.03 5.39
C LEU B 204 -4.51 14.13 5.74
N THR B 205 -3.98 13.09 6.37
CA THR B 205 -2.56 13.09 6.76
C THR B 205 -1.70 13.40 5.54
N GLN B 206 -1.95 12.67 4.45
CA GLN B 206 -1.17 12.84 3.23
C GLN B 206 -1.42 14.20 2.60
N SER B 207 -2.69 14.57 2.36
CA SER B 207 -3.01 15.85 1.74
C SER B 207 -2.50 17.03 2.55
N ALA B 208 -2.69 16.98 3.86
CA ALA B 208 -2.24 18.10 4.69
C ALA B 208 -0.71 18.18 4.74
N ALA B 209 -0.03 17.01 4.78
CA ALA B 209 1.43 17.04 4.73
C ALA B 209 1.88 17.76 3.45
N LEU B 210 1.30 17.39 2.32
CA LEU B 210 1.71 18.01 1.07
C LEU B 210 1.48 19.53 1.05
N GLU B 211 0.28 19.95 1.47
CA GLU B 211 -0.12 21.34 1.38
C GLU B 211 0.55 22.23 2.42
N LEU B 212 0.82 21.71 3.64
CA LEU B 212 1.37 22.50 4.73
C LEU B 212 2.89 22.48 4.79
N ALA B 213 3.54 21.58 4.04
CA ALA B 213 5.00 21.51 4.02
C ALA B 213 5.62 22.89 3.74
N PRO B 214 5.17 23.63 2.71
CA PRO B 214 5.69 24.98 2.43
C PRO B 214 5.63 25.97 3.61
N TYR B 215 4.75 25.74 4.61
CA TYR B 215 4.58 26.57 5.80
C TYR B 215 5.35 25.99 6.98
N GLY B 216 6.07 24.88 6.77
CA GLY B 216 6.92 24.33 7.82
C GLY B 216 6.14 23.52 8.86
N ILE B 217 4.91 23.14 8.49
CA ILE B 217 4.11 22.32 9.40
C ILE B 217 4.20 20.89 8.87
N ARG B 218 4.68 19.98 9.74
CA ARG B 218 4.72 18.56 9.36
C ARG B 218 3.41 17.88 9.82
N VAL B 219 2.96 16.89 9.05
CA VAL B 219 1.73 16.18 9.42
C VAL B 219 1.98 14.67 9.29
N ASN B 220 1.81 13.95 10.41
CA ASN B 220 2.17 12.55 10.42
C ASN B 220 1.10 11.80 11.20
N GLY B 221 1.16 10.46 11.17
CA GLY B 221 0.21 9.67 11.92
C GLY B 221 0.90 8.59 12.74
N VAL B 222 0.21 8.11 13.81
CA VAL B 222 0.59 6.98 14.63
C VAL B 222 -0.57 6.01 14.55
N ALA B 223 -0.28 4.77 14.11
CA ALA B 223 -1.36 3.81 13.87
C ALA B 223 -1.28 2.64 14.86
N PRO B 224 -2.02 2.66 15.99
CA PRO B 224 -2.00 1.52 16.91
C PRO B 224 -2.69 0.34 16.26
N GLY B 225 -2.34 -0.85 16.75
CA GLY B 225 -3.03 -2.08 16.45
C GLY B 225 -4.04 -2.28 17.59
N VAL B 226 -3.71 -3.15 18.52
CA VAL B 226 -4.51 -3.14 19.74
CA VAL B 226 -4.47 -3.25 19.77
C VAL B 226 -3.68 -2.55 20.87
N SER B 227 -4.26 -1.52 21.49
CA SER B 227 -3.64 -0.88 22.63
C SER B 227 -4.67 -1.04 23.75
N LEU B 228 -4.95 0.02 24.49
CA LEU B 228 -5.91 -0.14 25.59
C LEU B 228 -7.23 -0.64 25.04
N LEU B 229 -7.66 -1.80 25.55
CA LEU B 229 -8.87 -2.39 25.01
C LEU B 229 -10.07 -1.65 25.59
N PRO B 230 -11.24 -1.71 24.93
CA PRO B 230 -12.44 -1.01 25.40
C PRO B 230 -12.79 -1.42 26.85
N VAL B 231 -13.24 -0.44 27.65
CA VAL B 231 -13.43 -0.68 29.08
C VAL B 231 -14.50 -1.76 29.25
N ALA B 232 -15.49 -1.73 28.35
CA ALA B 232 -16.64 -2.63 28.40
C ALA B 232 -16.30 -4.04 27.94
N MET B 233 -15.14 -4.28 27.30
CA MET B 233 -14.81 -5.61 26.80
C MET B 233 -14.50 -6.55 27.96
N GLY B 234 -15.03 -7.78 27.89
CA GLY B 234 -14.75 -8.79 28.91
C GLY B 234 -13.34 -9.34 28.72
N GLU B 235 -12.79 -9.97 29.77
CA GLU B 235 -11.38 -10.35 29.75
C GLU B 235 -11.14 -11.46 28.72
N GLU B 236 -12.14 -12.35 28.57
CA GLU B 236 -12.08 -13.42 27.58
C GLU B 236 -11.82 -12.84 26.18
N GLU B 237 -12.54 -11.74 25.89
CA GLU B 237 -12.49 -11.13 24.57
C GLU B 237 -11.17 -10.37 24.45
N LYS B 238 -10.79 -9.64 25.51
CA LYS B 238 -9.47 -8.99 25.51
C LYS B 238 -8.39 -10.03 25.20
N ASP B 239 -8.48 -11.21 25.85
CA ASP B 239 -7.42 -12.18 25.63
C ASP B 239 -7.35 -12.72 24.20
N LYS B 240 -8.51 -12.78 23.54
CA LYS B 240 -8.54 -13.28 22.16
C LYS B 240 -7.71 -12.30 21.31
N TRP B 241 -7.84 -11.01 21.61
CA TRP B 241 -7.09 -10.05 20.82
C TRP B 241 -5.61 -10.11 21.16
N ARG B 242 -5.30 -10.22 22.47
CA ARG B 242 -3.92 -10.26 22.91
C ARG B 242 -3.13 -11.38 22.24
N ARG B 243 -3.77 -12.55 22.12
CA ARG B 243 -3.14 -13.77 21.64
C ARG B 243 -2.78 -13.66 20.14
N LYS B 244 -3.33 -12.66 19.45
CA LYS B 244 -3.07 -12.46 18.01
C LYS B 244 -1.75 -11.71 17.81
N VAL B 245 -1.25 -11.04 18.83
CA VAL B 245 -0.13 -10.10 18.68
C VAL B 245 1.20 -10.82 18.66
N PRO B 246 1.97 -10.83 17.54
CA PRO B 246 3.23 -11.54 17.52
C PRO B 246 4.21 -11.12 18.62
N LEU B 247 4.40 -9.80 18.81
CA LEU B 247 5.41 -9.27 19.71
C LEU B 247 4.83 -9.18 21.12
N GLY B 248 4.95 -10.31 21.85
CA GLY B 248 4.62 -10.33 23.29
C GLY B 248 3.19 -10.79 23.59
N ARG B 249 2.35 -11.01 22.56
CA ARG B 249 0.97 -11.47 22.79
C ARG B 249 0.26 -10.63 23.83
N ARG B 250 0.42 -9.30 23.69
CA ARG B 250 -0.21 -8.34 24.58
C ARG B 250 -0.49 -7.07 23.80
N GLU B 251 -1.41 -6.27 24.33
CA GLU B 251 -1.70 -4.96 23.71
C GLU B 251 -0.61 -3.95 24.03
N ALA B 252 -0.50 -2.89 23.19
CA ALA B 252 0.36 -1.77 23.51
C ALA B 252 -0.11 -1.04 24.78
N SER B 253 0.83 -0.61 25.61
CA SER B 253 0.51 0.35 26.65
C SER B 253 0.22 1.71 26.04
N ALA B 254 -0.54 2.54 26.77
CA ALA B 254 -0.78 3.91 26.31
C ALA B 254 0.55 4.63 26.15
N GLU B 255 1.50 4.34 27.06
CA GLU B 255 2.76 5.05 26.96
C GLU B 255 3.51 4.63 25.69
N GLN B 256 3.35 3.37 25.26
CA GLN B 256 4.06 3.00 24.02
C GLN B 256 3.50 3.75 22.81
N ILE B 257 2.19 3.90 22.77
CA ILE B 257 1.65 4.77 21.70
C ILE B 257 2.18 6.22 21.83
N ALA B 258 2.14 6.83 23.06
CA ALA B 258 2.61 8.17 23.26
C ALA B 258 4.07 8.35 22.86
N ASP B 259 4.91 7.32 23.06
CA ASP B 259 6.31 7.42 22.66
C ASP B 259 6.46 7.69 21.16
N ALA B 260 5.57 7.09 20.32
CA ALA B 260 5.70 7.35 18.89
C ALA B 260 5.25 8.77 18.58
N VAL B 261 4.19 9.25 19.30
CA VAL B 261 3.77 10.63 19.07
C VAL B 261 4.91 11.57 19.43
N ILE B 262 5.55 11.35 20.59
CA ILE B 262 6.64 12.21 21.10
C ILE B 262 7.80 12.23 20.10
N PHE B 263 8.12 11.06 19.49
CA PHE B 263 9.14 11.10 18.44
C PHE B 263 8.77 11.96 17.24
N LEU B 264 7.53 11.85 16.78
CA LEU B 264 7.15 12.61 15.60
C LEU B 264 7.09 14.13 15.81
N VAL B 265 6.83 14.56 17.06
CA VAL B 265 6.83 16.01 17.28
C VAL B 265 8.22 16.55 17.56
N SER B 266 9.17 15.64 17.83
CA SER B 266 10.51 16.02 18.26
C SER B 266 11.37 16.51 17.11
N GLY B 267 12.57 17.04 17.46
CA GLY B 267 13.52 17.45 16.44
C GLY B 267 14.21 16.25 15.77
N SER B 268 14.04 15.04 16.31
CA SER B 268 14.56 13.85 15.64
C SER B 268 13.69 13.45 14.45
N ALA B 269 12.53 14.13 14.24
CA ALA B 269 11.66 13.81 13.11
C ALA B 269 11.48 15.01 12.19
N GLN B 270 12.46 15.90 12.17
CA GLN B 270 12.29 17.15 11.46
C GLN B 270 12.15 17.04 9.93
N TYR B 271 12.57 15.91 9.30
CA TYR B 271 12.37 15.73 7.86
C TYR B 271 11.19 14.78 7.60
N ILE B 272 10.47 14.35 8.64
CA ILE B 272 9.41 13.37 8.44
C ILE B 272 8.06 14.08 8.31
N THR B 273 7.41 13.88 7.15
CA THR B 273 6.06 14.39 6.95
C THR B 273 5.34 13.46 6.01
N GLY B 274 4.02 13.32 6.27
CA GLY B 274 3.19 12.40 5.50
C GLY B 274 3.41 10.93 5.86
N SER B 275 4.10 10.62 6.96
CA SER B 275 4.40 9.23 7.37
C SER B 275 3.40 8.79 8.42
N ILE B 276 3.07 7.51 8.39
CA ILE B 276 2.23 6.96 9.43
C ILE B 276 3.03 5.82 10.03
N ILE B 277 3.33 5.91 11.33
CA ILE B 277 4.12 4.87 12.00
C ILE B 277 3.14 3.87 12.66
N LYS B 278 3.22 2.61 12.24
CA LYS B 278 2.41 1.60 12.89
C LYS B 278 3.07 1.28 14.21
N VAL B 279 2.24 1.15 15.25
CA VAL B 279 2.69 0.72 16.58
C VAL B 279 1.78 -0.44 17.01
N ASP B 280 2.04 -1.61 16.44
CA ASP B 280 1.08 -2.70 16.48
C ASP B 280 1.68 -4.06 16.84
N GLY B 281 2.97 -4.12 17.24
CA GLY B 281 3.53 -5.41 17.67
C GLY B 281 3.42 -6.48 16.60
N GLY B 282 3.30 -6.03 15.32
CA GLY B 282 3.24 -6.99 14.24
C GLY B 282 1.83 -7.49 13.85
N LEU B 283 0.78 -7.00 14.53
CA LEU B 283 -0.58 -7.53 14.37
C LEU B 283 -1.07 -7.49 12.91
N SER B 284 -0.76 -6.40 12.18
CA SER B 284 -1.26 -6.23 10.82
C SER B 284 -0.55 -7.18 9.86
N LEU B 285 0.54 -7.82 10.28
CA LEU B 285 1.23 -8.78 9.42
C LEU B 285 0.62 -10.18 9.49
N VAL B 286 -0.30 -10.41 10.43
CA VAL B 286 -0.74 -11.76 10.70
C VAL B 286 -1.92 -12.13 9.80
N HIS B 287 -1.77 -13.16 9.01
CA HIS B 287 -2.88 -13.56 8.13
C HIS B 287 -4.05 -14.21 8.90
N ALA B 288 -5.20 -14.32 8.23
CA ALA B 288 -6.39 -14.89 8.86
C ALA B 288 -6.09 -16.30 9.37
N ALA C 23 -33.83 -10.33 -17.64
CA ALA C 23 -32.47 -9.81 -17.80
C ALA C 23 -32.01 -9.22 -16.46
N PRO C 24 -30.69 -9.13 -16.14
CA PRO C 24 -30.32 -8.53 -14.86
C PRO C 24 -30.49 -7.01 -14.97
N ALA C 25 -30.41 -6.31 -13.83
CA ALA C 25 -30.62 -4.87 -13.82
C ALA C 25 -29.50 -4.17 -13.03
N ALA C 26 -29.17 -2.95 -13.47
CA ALA C 26 -28.04 -2.24 -12.86
C ALA C 26 -28.50 -0.81 -12.55
N VAL C 27 -27.98 -0.25 -11.43
CA VAL C 27 -28.10 1.17 -11.13
C VAL C 27 -26.75 1.83 -11.38
N VAL C 28 -26.71 2.90 -12.15
CA VAL C 28 -25.48 3.69 -12.33
C VAL C 28 -25.72 5.13 -11.85
N THR C 29 -24.94 5.58 -10.84
CA THR C 29 -25.14 6.94 -10.40
C THR C 29 -24.37 7.94 -11.25
N GLY C 30 -24.89 9.15 -11.39
CA GLY C 30 -24.22 10.11 -12.26
C GLY C 30 -24.06 9.58 -13.71
N ALA C 31 -25.13 8.93 -14.24
CA ALA C 31 -25.06 8.20 -15.50
C ALA C 31 -25.41 9.04 -16.74
N ALA C 32 -25.68 10.34 -16.63
CA ALA C 32 -26.18 11.08 -17.80
C ALA C 32 -25.04 11.42 -18.76
N LYS C 33 -23.82 11.53 -18.22
CA LYS C 33 -22.72 12.09 -19.00
C LYS C 33 -21.40 11.36 -18.67
N ARG C 34 -20.47 11.45 -19.61
CA ARG C 34 -19.06 11.15 -19.34
C ARG C 34 -18.91 9.69 -18.90
N ILE C 35 -18.20 9.45 -17.78
CA ILE C 35 -17.87 8.06 -17.47
C ILE C 35 -19.14 7.27 -17.15
N GLY C 36 -20.04 7.89 -16.36
CA GLY C 36 -21.18 7.06 -15.96
C GLY C 36 -22.09 6.74 -17.17
N ARG C 37 -22.09 7.62 -18.19
CA ARG C 37 -22.91 7.33 -19.37
C ARG C 37 -22.29 6.16 -20.13
N ALA C 38 -20.94 6.15 -20.20
CA ALA C 38 -20.23 5.08 -20.87
C ALA C 38 -20.45 3.74 -20.16
N ILE C 39 -20.46 3.77 -18.83
CA ILE C 39 -20.74 2.57 -18.07
C ILE C 39 -22.16 2.10 -18.36
N ALA C 40 -23.13 3.03 -18.30
CA ALA C 40 -24.53 2.64 -18.54
C ALA C 40 -24.70 2.04 -19.93
N VAL C 41 -24.05 2.67 -20.90
CA VAL C 41 -24.13 2.16 -22.28
C VAL C 41 -23.57 0.75 -22.38
N LYS C 42 -22.36 0.54 -21.81
CA LYS C 42 -21.80 -0.79 -21.92
C LYS C 42 -22.59 -1.82 -21.13
N LEU C 43 -23.15 -1.47 -19.95
CA LEU C 43 -23.93 -2.48 -19.27
C LEU C 43 -25.14 -2.86 -20.16
N HIS C 44 -25.75 -1.84 -20.72
CA HIS C 44 -26.94 -2.07 -21.58
C HIS C 44 -26.58 -3.03 -22.73
N GLN C 45 -25.47 -2.72 -23.41
CA GLN C 45 -24.92 -3.54 -24.51
C GLN C 45 -24.66 -4.98 -24.08
N THR C 46 -24.37 -5.25 -22.80
CA THR C 46 -24.07 -6.56 -22.26
C THR C 46 -25.38 -7.29 -21.92
N GLY C 47 -26.50 -6.54 -21.96
CA GLY C 47 -27.77 -7.18 -21.70
C GLY C 47 -28.45 -6.70 -20.43
N TYR C 48 -27.89 -5.69 -19.73
CA TYR C 48 -28.59 -5.28 -18.51
C TYR C 48 -29.71 -4.30 -18.85
N ARG C 49 -30.71 -4.24 -17.96
CA ARG C 49 -31.59 -3.09 -17.86
C ARG C 49 -30.97 -2.07 -16.90
N VAL C 50 -31.16 -0.79 -17.16
CA VAL C 50 -30.41 0.18 -16.37
C VAL C 50 -31.28 1.29 -15.81
N VAL C 51 -30.94 1.69 -14.56
CA VAL C 51 -31.41 2.94 -13.99
C VAL C 51 -30.35 3.99 -14.19
N ILE C 52 -30.68 5.06 -14.90
CA ILE C 52 -29.83 6.20 -15.14
C ILE C 52 -30.11 7.24 -14.07
N HIS C 53 -29.24 7.32 -13.08
CA HIS C 53 -29.42 8.33 -12.05
C HIS C 53 -28.87 9.67 -12.52
N TYR C 54 -29.54 10.77 -12.11
CA TYR C 54 -29.06 12.10 -12.40
C TYR C 54 -29.46 13.07 -11.28
N HIS C 55 -28.71 14.17 -11.24
CA HIS C 55 -28.97 15.23 -10.29
C HIS C 55 -29.44 16.46 -11.06
N ASN C 56 -28.54 17.12 -11.82
CA ASN C 56 -28.91 18.30 -12.58
C ASN C 56 -29.09 17.99 -14.06
N SER C 57 -28.70 16.79 -14.52
CA SER C 57 -28.60 16.56 -15.97
C SER C 57 -29.82 15.81 -16.51
N ALA C 58 -31.03 16.36 -16.32
CA ALA C 58 -32.27 15.65 -16.68
C ALA C 58 -32.39 15.39 -18.19
N GLU C 59 -32.10 16.43 -18.98
CA GLU C 59 -32.20 16.35 -20.42
C GLU C 59 -31.29 15.24 -20.96
N ALA C 60 -30.00 15.28 -20.56
CA ALA C 60 -29.04 14.25 -20.95
C ALA C 60 -29.46 12.85 -20.49
N ALA C 61 -30.01 12.72 -19.26
CA ALA C 61 -30.39 11.44 -18.75
C ALA C 61 -31.52 10.84 -19.60
N VAL C 62 -32.48 11.71 -19.93
CA VAL C 62 -33.62 11.26 -20.70
C VAL C 62 -33.17 10.95 -22.13
N SER C 63 -32.27 11.75 -22.71
CA SER C 63 -31.77 11.44 -24.04
C SER C 63 -31.11 10.06 -24.07
N LEU C 64 -30.33 9.72 -23.01
CA LEU C 64 -29.68 8.41 -23.01
C LEU C 64 -30.74 7.34 -22.88
N ALA C 65 -31.74 7.56 -22.01
CA ALA C 65 -32.72 6.50 -21.80
C ALA C 65 -33.50 6.28 -23.12
N ASP C 66 -33.76 7.38 -23.84
CA ASP C 66 -34.42 7.32 -25.17
C ASP C 66 -33.60 6.43 -26.12
N GLU C 67 -32.28 6.63 -26.20
CA GLU C 67 -31.37 5.85 -27.06
C GLU C 67 -31.40 4.37 -26.70
N LEU C 68 -31.30 4.05 -25.41
CA LEU C 68 -31.32 2.68 -24.96
C LEU C 68 -32.66 1.99 -25.20
N ASN C 69 -33.77 2.71 -24.95
CA ASN C 69 -35.10 2.15 -25.14
C ASN C 69 -35.38 1.92 -26.63
N LYS C 70 -34.85 2.78 -27.50
CA LYS C 70 -34.95 2.50 -28.93
C LYS C 70 -34.28 1.17 -29.28
N GLU C 71 -33.15 0.80 -28.62
CA GLU C 71 -32.51 -0.47 -28.90
C GLU C 71 -33.33 -1.64 -28.36
N ARG C 72 -33.75 -1.57 -27.09
CA ARG C 72 -34.63 -2.54 -26.46
C ARG C 72 -35.64 -1.79 -25.59
N SER C 73 -36.95 -1.89 -25.90
CA SER C 73 -37.92 -1.04 -25.21
C SER C 73 -38.04 -1.41 -23.74
N ASN C 74 -38.27 -0.39 -22.89
CA ASN C 74 -38.53 -0.59 -21.46
C ASN C 74 -37.32 -1.31 -20.81
N THR C 75 -36.13 -0.90 -21.23
CA THR C 75 -34.94 -1.44 -20.59
C THR C 75 -34.14 -0.36 -19.84
N ALA C 76 -34.60 0.89 -19.84
CA ALA C 76 -33.84 1.99 -19.24
C ALA C 76 -34.86 2.98 -18.67
N VAL C 77 -34.64 3.34 -17.41
CA VAL C 77 -35.43 4.37 -16.76
C VAL C 77 -34.48 5.40 -16.14
N VAL C 78 -35.01 6.57 -15.75
CA VAL C 78 -34.22 7.61 -15.07
C VAL C 78 -34.70 7.76 -13.63
N CYS C 79 -33.75 8.23 -12.78
CA CYS C 79 -34.08 8.46 -11.38
C CYS C 79 -33.34 9.71 -10.94
N GLN C 80 -34.08 10.75 -10.51
CA GLN C 80 -33.46 11.98 -10.01
C GLN C 80 -33.13 11.87 -8.53
N ALA C 81 -31.91 12.32 -8.15
CA ALA C 81 -31.65 12.47 -6.72
C ALA C 81 -30.42 13.32 -6.46
N ASP C 82 -30.47 14.20 -5.44
CA ASP C 82 -29.26 14.90 -5.01
C ASP C 82 -28.55 14.00 -4.01
N LEU C 83 -27.24 13.77 -4.24
CA LEU C 83 -26.49 12.87 -3.38
C LEU C 83 -25.57 13.63 -2.41
N THR C 84 -25.76 14.94 -2.29
CA THR C 84 -25.20 15.73 -1.16
C THR C 84 -25.64 15.09 0.16
N ASN C 85 -24.75 15.01 1.17
CA ASN C 85 -25.20 14.50 2.49
C ASN C 85 -26.20 15.48 3.15
N SER C 86 -27.25 14.93 3.76
CA SER C 86 -28.24 15.75 4.46
C SER C 86 -29.09 14.77 5.24
N ASN C 87 -30.05 15.30 6.03
CA ASN C 87 -31.03 14.48 6.73
C ASN C 87 -31.84 13.63 5.77
N VAL C 88 -31.95 14.05 4.50
CA VAL C 88 -32.77 13.25 3.58
C VAL C 88 -31.95 12.37 2.63
N LEU C 89 -30.60 12.40 2.71
CA LEU C 89 -29.85 11.50 1.81
C LEU C 89 -30.23 10.03 2.01
N PRO C 90 -30.41 9.44 3.22
CA PRO C 90 -30.76 8.02 3.28
C PRO C 90 -32.04 7.70 2.50
N ALA C 91 -33.05 8.56 2.60
CA ALA C 91 -34.28 8.29 1.84
C ALA C 91 -34.05 8.39 0.34
N SER C 92 -33.20 9.33 -0.07
CA SER C 92 -32.88 9.47 -1.49
C SER C 92 -32.19 8.23 -2.02
N CYS C 93 -31.25 7.68 -1.24
CA CYS C 93 -30.49 6.52 -1.67
C CYS C 93 -31.42 5.31 -1.73
N GLU C 94 -32.30 5.18 -0.72
CA GLU C 94 -33.30 4.12 -0.74
C GLU C 94 -34.18 4.19 -2.00
N GLU C 95 -34.56 5.40 -2.41
CA GLU C 95 -35.40 5.60 -3.58
C GLU C 95 -34.68 5.18 -4.87
N ILE C 96 -33.38 5.47 -4.98
CA ILE C 96 -32.63 5.03 -6.17
C ILE C 96 -32.67 3.50 -6.26
N ILE C 97 -32.37 2.80 -5.17
CA ILE C 97 -32.43 1.35 -5.25
C ILE C 97 -33.86 0.85 -5.53
N ASN C 98 -34.82 1.45 -4.81
CA ASN C 98 -36.22 1.08 -5.01
C ASN C 98 -36.63 1.28 -6.47
N SER C 99 -36.15 2.34 -7.15
CA SER C 99 -36.54 2.54 -8.54
CA SER C 99 -36.52 2.56 -8.54
C SER C 99 -36.13 1.37 -9.43
N CYS C 100 -34.99 0.74 -9.12
CA CYS C 100 -34.57 -0.42 -9.89
C CYS C 100 -35.54 -1.60 -9.69
N PHE C 101 -35.87 -1.90 -8.45
CA PHE C 101 -36.76 -3.01 -8.11
C PHE C 101 -38.16 -2.77 -8.71
N ARG C 102 -38.61 -1.52 -8.71
CA ARG C 102 -39.93 -1.21 -9.25
C ARG C 102 -39.97 -1.42 -10.75
N ALA C 103 -38.98 -0.85 -11.44
CA ALA C 103 -38.92 -0.91 -12.90
C ALA C 103 -38.70 -2.34 -13.37
N PHE C 104 -37.85 -3.09 -12.65
CA PHE C 104 -37.24 -4.25 -13.26
C PHE C 104 -37.41 -5.52 -12.44
N GLY C 105 -37.81 -5.39 -11.18
CA GLY C 105 -38.12 -6.48 -10.25
C GLY C 105 -36.89 -7.07 -9.55
N ARG C 106 -35.74 -6.42 -9.73
CA ARG C 106 -34.50 -6.96 -9.16
C ARG C 106 -33.45 -5.87 -9.33
N CYS C 107 -32.29 -6.06 -8.67
CA CYS C 107 -31.19 -5.10 -8.84
C CYS C 107 -29.92 -5.91 -8.56
N ASP C 108 -29.19 -6.22 -9.64
CA ASP C 108 -28.05 -7.12 -9.62
C ASP C 108 -26.75 -6.37 -9.36
N VAL C 109 -26.70 -5.12 -9.79
CA VAL C 109 -25.45 -4.34 -9.87
C VAL C 109 -25.72 -2.91 -9.46
N LEU C 110 -24.78 -2.37 -8.63
CA LEU C 110 -24.76 -0.96 -8.22
C LEU C 110 -23.41 -0.40 -8.61
N VAL C 111 -23.39 0.65 -9.43
CA VAL C 111 -22.19 1.35 -9.81
C VAL C 111 -22.23 2.73 -9.16
N ASN C 112 -21.30 2.96 -8.19
CA ASN C 112 -21.23 4.23 -7.52
C ASN C 112 -20.24 5.11 -8.27
N ASN C 113 -20.74 5.86 -9.21
CA ASN C 113 -19.92 6.69 -10.07
C ASN C 113 -20.06 8.20 -9.81
N ALA C 114 -21.24 8.69 -9.36
CA ALA C 114 -21.41 10.12 -9.12
C ALA C 114 -20.31 10.69 -8.21
N SER C 115 -19.81 11.88 -8.57
CA SER C 115 -18.73 12.41 -7.78
C SER C 115 -18.60 13.91 -7.95
N ALA C 116 -18.44 14.64 -6.84
CA ALA C 116 -18.09 16.05 -6.87
C ALA C 116 -16.57 16.18 -6.76
N PHE C 117 -16.01 17.19 -7.43
CA PHE C 117 -14.56 17.37 -7.46
C PHE C 117 -14.26 18.87 -7.53
N TYR C 118 -13.54 19.39 -6.53
CA TYR C 118 -13.09 20.77 -6.57
C TYR C 118 -12.19 21.01 -5.37
N PRO C 119 -11.32 22.03 -5.40
CA PRO C 119 -10.37 22.28 -4.32
C PRO C 119 -11.00 22.83 -3.04
N THR C 120 -10.36 22.47 -1.91
CA THR C 120 -10.76 22.95 -0.61
C THR C 120 -9.47 23.28 0.16
N PRO C 121 -8.79 24.42 -0.16
CA PRO C 121 -7.50 24.74 0.45
C PRO C 121 -7.61 24.81 1.95
N LEU C 122 -6.52 24.41 2.65
CA LEU C 122 -6.53 24.42 4.11
C LEU C 122 -6.18 25.83 4.63
N VAL C 123 -5.45 26.60 3.82
CA VAL C 123 -4.97 27.90 4.28
C VAL C 123 -5.54 29.01 3.38
N LYS C 134 -19.26 28.72 -1.12
CA LYS C 134 -19.78 27.56 -0.33
C LYS C 134 -19.11 27.59 1.04
N THR C 135 -19.89 27.41 2.11
CA THR C 135 -19.32 27.22 3.44
C THR C 135 -18.53 25.92 3.45
N VAL C 136 -17.62 25.80 4.41
CA VAL C 136 -16.85 24.57 4.50
C VAL C 136 -17.80 23.39 4.73
N GLU C 137 -18.87 23.58 5.52
CA GLU C 137 -19.73 22.43 5.82
C GLU C 137 -20.57 22.03 4.59
N THR C 138 -20.84 22.97 3.66
CA THR C 138 -21.44 22.60 2.37
C THR C 138 -20.44 21.77 1.52
N GLN C 139 -19.15 22.16 1.53
CA GLN C 139 -18.11 21.40 0.85
CA GLN C 139 -18.12 21.39 0.84
C GLN C 139 -18.01 19.99 1.43
N VAL C 140 -18.05 19.88 2.74
CA VAL C 140 -18.09 18.55 3.37
C VAL C 140 -19.28 17.72 2.88
N ALA C 141 -20.48 18.31 2.91
CA ALA C 141 -21.68 17.60 2.49
C ALA C 141 -21.60 17.09 1.04
N GLU C 142 -21.04 17.91 0.16
CA GLU C 142 -20.89 17.58 -1.25
C GLU C 142 -19.74 16.61 -1.46
N LEU C 143 -18.48 16.93 -1.03
CA LEU C 143 -17.31 16.12 -1.34
C LEU C 143 -17.39 14.79 -0.59
N ILE C 144 -17.68 14.82 0.71
CA ILE C 144 -17.71 13.61 1.50
C ILE C 144 -19.06 12.95 1.29
N GLY C 145 -20.14 13.71 1.21
CA GLY C 145 -21.45 13.13 0.92
C GLY C 145 -21.55 12.39 -0.42
N THR C 146 -21.16 13.00 -1.57
N THR C 146 -21.41 13.19 -1.47
CA THR C 146 -21.22 12.23 -2.82
CA THR C 146 -21.77 12.51 -2.69
C THR C 146 -20.17 11.10 -2.99
C THR C 146 -20.71 11.46 -2.95
N ASN C 147 -18.92 11.33 -2.55
N ASN C 147 -19.45 11.73 -2.51
CA ASN C 147 -17.88 10.35 -2.85
CA ASN C 147 -18.32 10.87 -2.87
C ASN C 147 -17.86 9.22 -1.82
C ASN C 147 -18.22 9.61 -2.02
N ALA C 148 -18.51 9.40 -0.66
N ALA C 148 -18.68 9.65 -0.75
CA ALA C 148 -18.41 8.35 0.34
CA ALA C 148 -18.48 8.49 0.12
C ALA C 148 -19.74 8.01 1.02
C ALA C 148 -19.70 8.07 0.95
N ILE C 149 -20.47 9.02 1.47
CA ILE C 149 -21.65 8.70 2.29
C ILE C 149 -22.78 8.16 1.39
N ALA C 150 -22.99 8.77 0.23
CA ALA C 150 -24.02 8.24 -0.67
C ALA C 150 -23.67 6.79 -1.08
N PRO C 151 -22.40 6.47 -1.47
CA PRO C 151 -22.06 5.07 -1.76
C PRO C 151 -22.36 4.17 -0.58
N PHE C 152 -22.06 4.64 0.65
CA PHE C 152 -22.35 3.82 1.83
C PHE C 152 -23.88 3.52 1.95
N LEU C 153 -24.67 4.58 1.81
CA LEU C 153 -26.13 4.41 1.98
C LEU C 153 -26.75 3.58 0.86
N LEU C 154 -26.22 3.80 -0.35
CA LEU C 154 -26.71 3.00 -1.47
C LEU C 154 -26.32 1.53 -1.29
N THR C 155 -25.11 1.27 -0.76
CA THR C 155 -24.70 -0.11 -0.46
C THR C 155 -25.63 -0.72 0.58
N MET C 156 -25.99 0.03 1.63
CA MET C 156 -26.83 -0.54 2.68
CA MET C 156 -26.82 -0.57 2.66
C MET C 156 -28.19 -0.90 2.07
N SER C 157 -28.71 0.04 1.29
CA SER C 157 -30.04 -0.14 0.65
C SER C 157 -30.01 -1.31 -0.33
N PHE C 158 -28.95 -1.40 -1.15
CA PHE C 158 -28.80 -2.48 -2.13
C PHE C 158 -28.75 -3.81 -1.37
N ALA C 159 -27.94 -3.91 -0.30
CA ALA C 159 -27.79 -5.17 0.41
C ALA C 159 -29.10 -5.56 1.11
N GLN C 160 -29.80 -4.57 1.70
CA GLN C 160 -30.98 -4.83 2.52
C GLN C 160 -32.11 -5.39 1.65
N ARG C 161 -32.14 -4.95 0.38
CA ARG C 161 -33.20 -5.32 -0.56
C ARG C 161 -32.93 -6.70 -1.16
N GLN C 162 -31.80 -7.35 -0.85
CA GLN C 162 -31.49 -8.67 -1.38
C GLN C 162 -31.87 -9.68 -0.30
N SER C 172 -27.19 -16.32 -8.76
CA SER C 172 -27.12 -14.86 -9.07
C SER C 172 -25.66 -14.39 -9.13
N ASN C 173 -25.46 -13.17 -9.65
CA ASN C 173 -24.13 -12.55 -9.67
C ASN C 173 -24.29 -11.09 -9.27
N LEU C 174 -24.35 -10.90 -7.95
CA LEU C 174 -24.60 -9.55 -7.42
C LEU C 174 -23.24 -8.89 -7.15
N SER C 175 -23.18 -7.61 -7.46
CA SER C 175 -21.95 -6.90 -7.15
C SER C 175 -22.12 -5.38 -7.20
N ILE C 176 -21.13 -4.72 -6.52
CA ILE C 176 -21.11 -3.28 -6.46
C ILE C 176 -19.72 -2.87 -6.97
N VAL C 177 -19.68 -1.84 -7.80
CA VAL C 177 -18.40 -1.32 -8.24
C VAL C 177 -18.33 0.18 -7.90
N ASN C 178 -17.27 0.53 -7.15
CA ASN C 178 -17.07 1.91 -6.72
C ASN C 178 -16.02 2.61 -7.57
N LEU C 179 -16.30 3.81 -8.06
CA LEU C 179 -15.33 4.54 -8.88
C LEU C 179 -14.41 5.30 -7.92
N CYS C 180 -13.16 4.84 -7.87
CA CYS C 180 -12.15 5.26 -6.92
C CYS C 180 -11.24 6.29 -7.61
N ASP C 181 -9.97 6.43 -7.19
CA ASP C 181 -9.07 7.37 -7.88
C ASP C 181 -7.64 6.83 -7.74
N ALA C 182 -6.95 6.63 -8.87
CA ALA C 182 -5.66 5.94 -8.80
C ALA C 182 -4.62 6.84 -8.13
N MET C 183 -4.92 8.14 -7.98
CA MET C 183 -3.91 9.05 -7.43
C MET C 183 -4.20 9.41 -5.96
N VAL C 184 -4.96 8.54 -5.26
CA VAL C 184 -5.35 8.80 -3.88
C VAL C 184 -4.13 8.98 -2.97
N ASP C 185 -3.01 8.33 -3.29
CA ASP C 185 -1.84 8.51 -2.42
C ASP C 185 -0.83 9.54 -2.92
N GLN C 186 -1.09 10.23 -4.05
CA GLN C 186 -0.22 11.28 -4.55
C GLN C 186 -1.19 12.40 -4.94
N PRO C 187 -1.90 12.96 -3.96
CA PRO C 187 -3.08 13.76 -4.32
C PRO C 187 -2.75 15.15 -4.94
N CYS C 188 -3.79 15.70 -5.58
CA CYS C 188 -3.66 17.04 -6.11
C CYS C 188 -3.61 18.01 -4.92
N MET C 189 -2.80 19.06 -5.08
CA MET C 189 -2.56 20.05 -4.04
C MET C 189 -3.87 20.81 -3.78
N ALA C 190 -4.20 20.95 -2.50
CA ALA C 190 -5.37 21.71 -2.07
C ALA C 190 -6.69 20.96 -2.30
N PHE C 191 -6.63 19.62 -2.49
CA PHE C 191 -7.82 18.80 -2.66
C PHE C 191 -8.07 17.92 -1.43
N SER C 192 -7.89 18.43 -0.21
CA SER C 192 -8.00 17.61 1.00
CA SER C 192 -7.95 17.55 0.95
C SER C 192 -9.32 16.86 1.10
N LEU C 193 -10.44 17.60 0.99
CA LEU C 193 -11.73 16.92 1.22
C LEU C 193 -12.05 15.89 0.16
N TYR C 194 -11.79 16.25 -1.10
CA TYR C 194 -11.96 15.28 -2.16
C TYR C 194 -11.10 14.05 -1.90
N ASN C 195 -9.83 14.24 -1.50
CA ASN C 195 -8.95 13.07 -1.25
C ASN C 195 -9.48 12.26 -0.07
N MET C 196 -9.98 12.94 0.99
CA MET C 196 -10.50 12.23 2.15
C MET C 196 -11.68 11.36 1.74
N GLY C 197 -12.58 11.88 0.92
CA GLY C 197 -13.75 11.16 0.42
C GLY C 197 -13.34 9.93 -0.40
N LYS C 198 -12.34 10.08 -1.29
CA LYS C 198 -11.90 8.94 -2.08
C LYS C 198 -11.23 7.88 -1.20
N HIS C 199 -10.46 8.31 -0.19
CA HIS C 199 -9.93 7.32 0.75
C HIS C 199 -11.04 6.62 1.50
N ALA C 200 -12.04 7.38 1.94
CA ALA C 200 -13.16 6.76 2.66
C ALA C 200 -13.82 5.72 1.73
N LEU C 201 -13.90 6.01 0.41
CA LEU C 201 -14.53 5.10 -0.54
C LEU C 201 -13.70 3.81 -0.69
N VAL C 202 -12.37 3.87 -0.57
CA VAL C 202 -11.56 2.64 -0.51
C VAL C 202 -11.90 1.87 0.77
N GLY C 203 -12.04 2.56 1.92
CA GLY C 203 -12.42 1.84 3.12
C GLY C 203 -13.79 1.16 3.00
N LEU C 204 -14.76 1.86 2.40
CA LEU C 204 -16.07 1.27 2.15
C LEU C 204 -15.93 0.03 1.29
N THR C 205 -15.15 0.11 0.21
CA THR C 205 -14.93 -1.01 -0.68
C THR C 205 -14.50 -2.22 0.14
N GLN C 206 -13.45 -2.05 0.97
CA GLN C 206 -12.90 -3.17 1.71
C GLN C 206 -13.89 -3.64 2.76
N SER C 207 -14.48 -2.72 3.53
CA SER C 207 -15.36 -3.12 4.64
C SER C 207 -16.63 -3.79 4.11
N ALA C 208 -17.18 -3.23 3.04
CA ALA C 208 -18.36 -3.82 2.41
C ALA C 208 -18.03 -5.16 1.76
N ALA C 209 -16.86 -5.28 1.08
CA ALA C 209 -16.55 -6.61 0.53
C ALA C 209 -16.55 -7.66 1.64
N LEU C 210 -15.93 -7.34 2.78
CA LEU C 210 -15.87 -8.36 3.83
C LEU C 210 -17.25 -8.72 4.37
N GLU C 211 -18.02 -7.70 4.73
CA GLU C 211 -19.31 -7.87 5.38
C GLU C 211 -20.37 -8.46 4.44
N LEU C 212 -20.29 -8.20 3.12
CA LEU C 212 -21.33 -8.69 2.24
C LEU C 212 -20.96 -9.99 1.54
N ALA C 213 -19.71 -10.42 1.68
CA ALA C 213 -19.26 -11.66 1.06
C ALA C 213 -20.19 -12.82 1.44
N PRO C 214 -20.70 -12.92 2.69
CA PRO C 214 -21.59 -14.02 3.07
C PRO C 214 -22.92 -14.02 2.34
N TYR C 215 -23.35 -12.86 1.81
CA TYR C 215 -24.55 -12.69 1.01
C TYR C 215 -24.31 -12.91 -0.47
N GLY C 216 -23.05 -13.22 -0.83
CA GLY C 216 -22.73 -13.41 -2.22
C GLY C 216 -22.67 -12.07 -2.96
N ILE C 217 -22.49 -10.97 -2.22
CA ILE C 217 -22.41 -9.72 -2.96
C ILE C 217 -20.92 -9.34 -3.01
N ARG C 218 -20.35 -9.23 -4.23
CA ARG C 218 -18.96 -8.81 -4.36
C ARG C 218 -18.87 -7.28 -4.39
N VAL C 219 -17.76 -6.71 -3.88
CA VAL C 219 -17.67 -5.25 -3.86
C VAL C 219 -16.26 -4.87 -4.30
N ASN C 220 -16.14 -4.14 -5.44
CA ASN C 220 -14.82 -3.86 -5.98
C ASN C 220 -14.80 -2.42 -6.42
N GLY C 221 -13.59 -1.98 -6.86
CA GLY C 221 -13.42 -0.60 -7.32
C GLY C 221 -12.69 -0.56 -8.67
N VAL C 222 -12.89 0.57 -9.38
CA VAL C 222 -12.12 0.92 -10.56
C VAL C 222 -11.55 2.30 -10.32
N ALA C 223 -10.22 2.43 -10.47
CA ALA C 223 -9.54 3.65 -10.11
C ALA C 223 -8.96 4.31 -11.35
N PRO C 224 -9.64 5.29 -11.95
CA PRO C 224 -9.05 5.97 -13.12
C PRO C 224 -7.95 6.91 -12.69
N GLY C 225 -7.12 7.24 -13.68
CA GLY C 225 -6.08 8.24 -13.49
C GLY C 225 -6.58 9.53 -14.11
N VAL C 226 -6.00 9.90 -15.26
CA VAL C 226 -6.66 10.92 -16.03
C VAL C 226 -7.51 10.18 -17.06
N SER C 227 -8.81 10.47 -16.94
CA SER C 227 -9.79 10.05 -17.93
C SER C 227 -10.32 11.35 -18.54
N LEU C 228 -11.57 11.38 -19.04
CA LEU C 228 -12.13 12.62 -19.56
C LEU C 228 -11.82 13.77 -18.60
N LEU C 229 -11.11 14.79 -19.09
CA LEU C 229 -10.68 15.85 -18.20
C LEU C 229 -11.88 16.73 -17.88
N PRO C 230 -11.91 17.39 -16.70
CA PRO C 230 -12.95 18.40 -16.42
C PRO C 230 -13.11 19.34 -17.62
N VAL C 231 -14.36 19.49 -18.08
CA VAL C 231 -14.65 20.32 -19.23
C VAL C 231 -14.10 21.71 -18.94
N ALA C 232 -14.24 22.13 -17.68
CA ALA C 232 -13.74 23.41 -17.20
C ALA C 232 -12.25 23.56 -17.51
N MET C 233 -11.45 22.55 -17.12
CA MET C 233 -10.01 22.63 -17.27
C MET C 233 -9.64 23.19 -18.64
N GLY C 234 -8.67 24.10 -18.65
CA GLY C 234 -8.13 24.58 -19.91
C GLY C 234 -7.42 23.47 -20.66
N GLU C 235 -6.92 23.81 -21.85
CA GLU C 235 -6.34 22.83 -22.75
C GLU C 235 -4.85 22.65 -22.46
N GLU C 236 -4.19 23.73 -22.04
CA GLU C 236 -2.76 23.65 -21.78
C GLU C 236 -2.52 22.78 -20.54
N GLU C 237 -3.45 22.83 -19.58
CA GLU C 237 -3.31 22.06 -18.35
C GLU C 237 -3.65 20.59 -18.60
N LYS C 238 -4.60 20.33 -19.52
CA LYS C 238 -4.98 18.98 -19.94
C LYS C 238 -3.81 18.29 -20.64
N ASP C 239 -3.17 19.00 -21.57
CA ASP C 239 -1.99 18.51 -22.28
C ASP C 239 -0.86 18.17 -21.32
N LYS C 240 -0.68 19.01 -20.28
CA LYS C 240 0.38 18.85 -19.30
C LYS C 240 0.23 17.49 -18.61
N TRP C 241 -1.03 17.13 -18.31
CA TRP C 241 -1.36 15.84 -17.69
C TRP C 241 -1.13 14.69 -18.66
N ARG C 242 -1.61 14.86 -19.90
CA ARG C 242 -1.50 13.86 -20.94
C ARG C 242 -0.04 13.48 -21.11
N ARG C 243 0.84 14.48 -21.10
CA ARG C 243 2.27 14.26 -21.33
C ARG C 243 2.91 13.34 -20.25
N LYS C 244 2.29 13.22 -19.06
CA LYS C 244 2.92 12.49 -17.96
C LYS C 244 2.54 11.01 -17.98
N VAL C 245 1.55 10.64 -18.79
CA VAL C 245 1.06 9.26 -18.78
C VAL C 245 1.98 8.32 -19.55
N PRO C 246 2.59 7.29 -18.92
CA PRO C 246 3.49 6.40 -19.69
C PRO C 246 2.88 5.72 -20.93
N LEU C 247 1.60 5.29 -20.83
N LEU C 247 1.69 5.17 -20.75
CA LEU C 247 0.86 4.76 -21.96
CA LEU C 247 1.05 4.44 -21.82
C LEU C 247 0.14 5.85 -22.75
C LEU C 247 0.32 5.43 -22.72
N GLY C 248 0.63 7.08 -22.70
N GLY C 248 1.06 5.96 -23.71
CA GLY C 248 -0.12 8.21 -23.19
CA GLY C 248 0.41 6.63 -24.84
C GLY C 248 -0.20 8.30 -24.72
C GLY C 248 0.35 8.16 -24.73
N ARG C 249 0.42 7.32 -25.41
N ARG C 249 0.70 8.73 -23.56
CA ARG C 249 0.26 7.16 -26.86
CA ARG C 249 0.71 10.17 -23.35
C ARG C 249 -1.20 6.89 -27.19
C ARG C 249 -0.67 10.78 -23.62
N ARG C 250 -1.90 6.19 -26.28
N ARG C 250 -1.72 10.07 -23.21
CA ARG C 250 -3.34 5.99 -26.35
CA ARG C 250 -3.07 10.56 -23.41
C ARG C 250 -4.00 7.12 -25.58
C ARG C 250 -3.94 10.03 -22.28
N GLU C 251 -5.11 7.65 -26.12
N GLU C 251 -5.12 10.62 -22.11
CA GLU C 251 -5.93 8.52 -25.30
CA GLU C 251 -6.08 10.23 -21.08
C GLU C 251 -6.70 7.71 -24.27
C GLU C 251 -6.88 8.99 -21.49
N ALA C 252 -6.92 8.34 -23.11
N ALA C 252 -7.49 8.29 -20.50
CA ALA C 252 -7.77 7.81 -22.08
CA ALA C 252 -8.32 7.12 -20.78
C ALA C 252 -9.22 8.06 -22.48
C ALA C 252 -9.61 7.58 -21.45
N SER C 253 -10.07 7.09 -22.21
N SER C 253 -10.13 6.79 -22.40
CA SER C 253 -11.45 7.32 -22.60
CA SER C 253 -11.49 7.02 -22.84
C SER C 253 -12.36 6.81 -21.51
C SER C 253 -12.44 6.59 -21.71
N ALA C 254 -13.64 7.23 -21.61
CA ALA C 254 -14.64 6.73 -20.67
C ALA C 254 -14.87 5.24 -20.93
N GLU C 255 -14.78 4.81 -22.19
CA GLU C 255 -14.99 3.43 -22.60
CA GLU C 255 -15.08 3.41 -22.49
C GLU C 255 -14.02 2.47 -21.90
N GLN C 256 -12.78 2.94 -21.74
CA GLN C 256 -11.72 2.13 -21.10
C GLN C 256 -12.06 1.90 -19.62
N ILE C 257 -12.56 2.95 -18.98
CA ILE C 257 -13.00 2.79 -17.60
C ILE C 257 -14.16 1.79 -17.55
N ALA C 258 -15.18 2.00 -18.41
CA ALA C 258 -16.33 1.12 -18.44
C ALA C 258 -15.97 -0.34 -18.67
N ASP C 259 -14.97 -0.56 -19.54
CA ASP C 259 -14.50 -1.94 -19.77
C ASP C 259 -14.07 -2.67 -18.46
N ALA C 260 -13.35 -1.96 -17.55
CA ALA C 260 -13.00 -2.53 -16.25
C ALA C 260 -14.23 -2.80 -15.39
N VAL C 261 -15.21 -1.89 -15.46
CA VAL C 261 -16.44 -2.10 -14.71
C VAL C 261 -17.14 -3.37 -15.21
N ILE C 262 -17.22 -3.54 -16.54
CA ILE C 262 -17.90 -4.69 -17.17
C ILE C 262 -17.20 -5.99 -16.76
N PHE C 263 -15.85 -5.99 -16.74
CA PHE C 263 -15.17 -7.19 -16.27
C PHE C 263 -15.59 -7.51 -14.82
N LEU C 264 -15.56 -6.51 -13.89
CA LEU C 264 -15.77 -6.81 -12.50
C LEU C 264 -17.21 -7.26 -12.23
N VAL C 265 -18.19 -6.84 -13.05
CA VAL C 265 -19.54 -7.34 -12.83
C VAL C 265 -19.76 -8.70 -13.48
N SER C 266 -18.90 -9.09 -14.43
CA SER C 266 -19.05 -10.31 -15.20
C SER C 266 -18.80 -11.57 -14.37
N GLY C 267 -19.15 -12.71 -15.00
CA GLY C 267 -18.88 -14.04 -14.48
C GLY C 267 -17.38 -14.35 -14.49
N SER C 268 -16.58 -13.60 -15.27
CA SER C 268 -15.11 -13.70 -15.22
C SER C 268 -14.47 -13.12 -13.96
N ALA C 269 -15.29 -12.53 -13.06
CA ALA C 269 -14.74 -11.92 -11.84
C ALA C 269 -15.42 -12.53 -10.62
N GLN C 270 -15.98 -13.74 -10.75
CA GLN C 270 -16.81 -14.28 -9.69
C GLN C 270 -16.07 -14.55 -8.38
N TYR C 271 -14.72 -14.59 -8.37
CA TYR C 271 -13.99 -14.79 -7.11
C TYR C 271 -13.33 -13.49 -6.62
N ILE C 272 -13.55 -12.39 -7.33
CA ILE C 272 -12.89 -11.12 -7.02
C ILE C 272 -13.80 -10.28 -6.11
N THR C 273 -13.30 -9.95 -4.90
CA THR C 273 -14.02 -9.00 -4.08
C THR C 273 -12.98 -8.27 -3.24
N GLY C 274 -13.24 -6.96 -3.00
CA GLY C 274 -12.31 -6.17 -2.22
C GLY C 274 -11.12 -5.69 -3.07
N SER C 275 -11.22 -5.80 -4.40
CA SER C 275 -10.13 -5.41 -5.28
C SER C 275 -10.43 -4.08 -5.95
N ILE C 276 -9.37 -3.28 -6.17
CA ILE C 276 -9.49 -2.06 -6.91
C ILE C 276 -8.57 -2.17 -8.10
N ILE C 277 -9.13 -2.06 -9.31
CA ILE C 277 -8.36 -2.14 -10.54
C ILE C 277 -8.01 -0.71 -11.00
N LYS C 278 -6.72 -0.38 -10.99
CA LYS C 278 -6.30 0.90 -11.55
C LYS C 278 -6.43 0.84 -13.06
N VAL C 279 -6.90 1.95 -13.64
CA VAL C 279 -7.01 2.12 -15.08
C VAL C 279 -6.43 3.48 -15.42
N ASP C 280 -5.10 3.59 -15.38
CA ASP C 280 -4.47 4.91 -15.33
C ASP C 280 -3.31 5.03 -16.31
N GLY C 281 -3.08 3.98 -17.12
CA GLY C 281 -2.03 4.15 -18.16
C GLY C 281 -0.63 4.22 -17.56
N GLY C 282 -0.50 3.80 -16.27
CA GLY C 282 0.77 3.84 -15.58
C GLY C 282 1.04 5.16 -14.83
N LEU C 283 0.07 6.10 -14.80
CA LEU C 283 0.37 7.44 -14.29
C LEU C 283 0.83 7.40 -12.82
N SER C 284 0.23 6.50 -12.02
CA SER C 284 0.50 6.50 -10.58
C SER C 284 1.91 5.99 -10.28
N LEU C 285 2.57 5.37 -11.28
N LEU C 285 2.57 5.40 -11.27
CA LEU C 285 3.94 4.86 -11.15
CA LEU C 285 3.92 4.88 -11.10
C LEU C 285 4.98 5.98 -11.26
C LEU C 285 4.99 5.93 -11.42
N VAL C 286 4.55 7.15 -11.76
CA VAL C 286 5.48 8.18 -12.24
C VAL C 286 5.91 9.10 -11.09
N HIS C 287 7.20 9.11 -10.76
CA HIS C 287 7.65 9.98 -9.68
C HIS C 287 7.60 11.46 -10.11
N ALA C 288 7.66 12.32 -9.11
CA ALA C 288 7.68 13.77 -9.27
C ALA C 288 8.86 14.21 -10.13
N GLU D 22 28.28 -4.66 29.58
CA GLU D 22 27.24 -3.63 29.90
C GLU D 22 26.78 -2.92 28.62
N ALA D 23 27.69 -2.32 27.84
CA ALA D 23 27.28 -1.55 26.66
C ALA D 23 26.78 -2.49 25.56
N PRO D 24 25.65 -2.17 24.88
CA PRO D 24 25.23 -3.04 23.79
C PRO D 24 26.13 -2.82 22.58
N ALA D 25 25.96 -3.71 21.58
CA ALA D 25 26.79 -3.64 20.39
C ALA D 25 25.91 -3.71 19.15
N ALA D 26 26.39 -3.11 18.06
CA ALA D 26 25.64 -3.07 16.81
C ALA D 26 26.59 -3.29 15.63
N VAL D 27 26.02 -3.92 14.59
CA VAL D 27 26.69 -4.08 13.30
C VAL D 27 26.00 -3.11 12.32
N VAL D 28 26.79 -2.27 11.66
CA VAL D 28 26.24 -1.42 10.59
C VAL D 28 26.92 -1.78 9.27
N THR D 29 26.15 -2.18 8.26
CA THR D 29 26.80 -2.49 6.95
C THR D 29 26.97 -1.23 6.12
N GLY D 30 28.03 -1.23 5.34
CA GLY D 30 28.36 -0.06 4.53
C GLY D 30 28.47 1.20 5.39
N ALA D 31 29.23 1.08 6.52
CA ALA D 31 29.31 2.11 7.57
C ALA D 31 30.43 3.13 7.39
N ALA D 32 31.26 3.01 6.37
CA ALA D 32 32.46 3.87 6.28
C ALA D 32 32.08 5.30 5.90
N LYS D 33 31.00 5.49 5.12
CA LYS D 33 30.69 6.82 4.61
C LYS D 33 29.18 7.11 4.64
N ARG D 34 28.84 8.40 4.47
CA ARG D 34 27.46 8.80 4.14
C ARG D 34 26.48 8.30 5.22
N ILE D 35 25.35 7.68 4.78
CA ILE D 35 24.31 7.35 5.76
C ILE D 35 24.80 6.33 6.79
N GLY D 36 25.51 5.32 6.29
CA GLY D 36 25.94 4.30 7.23
C GLY D 36 26.93 4.83 8.28
N ARG D 37 27.74 5.82 7.85
CA ARG D 37 28.69 6.43 8.79
C ARG D 37 27.91 7.23 9.86
N ALA D 38 26.81 7.92 9.45
CA ALA D 38 26.04 8.72 10.40
C ALA D 38 25.33 7.82 11.39
N ILE D 39 24.83 6.69 10.91
CA ILE D 39 24.17 5.73 11.77
C ILE D 39 25.17 5.20 12.79
N ALA D 40 26.36 4.79 12.34
CA ALA D 40 27.39 4.27 13.22
C ALA D 40 27.75 5.32 14.29
N VAL D 41 27.96 6.57 13.89
CA VAL D 41 28.29 7.63 14.85
C VAL D 41 27.16 7.81 15.86
N LYS D 42 25.89 7.87 15.40
CA LYS D 42 24.84 8.16 16.36
C LYS D 42 24.62 6.98 17.29
N LEU D 43 24.79 5.73 16.78
CA LEU D 43 24.69 4.61 17.70
C LEU D 43 25.80 4.72 18.75
N HIS D 44 27.00 5.04 18.29
CA HIS D 44 28.11 5.12 19.24
C HIS D 44 27.79 6.20 20.29
N GLN D 45 27.38 7.37 19.83
CA GLN D 45 26.97 8.46 20.74
C GLN D 45 25.92 8.03 21.76
N THR D 46 25.04 7.06 21.42
CA THR D 46 23.96 6.56 22.25
C THR D 46 24.52 5.53 23.24
N GLY D 47 25.78 5.08 23.03
CA GLY D 47 26.40 4.18 23.99
C GLY D 47 26.67 2.76 23.47
N TYR D 48 26.48 2.57 22.14
CA TYR D 48 26.74 1.27 21.56
C TYR D 48 28.23 1.14 21.19
N ARG D 49 28.71 -0.12 21.25
CA ARG D 49 29.93 -0.48 20.52
C ARG D 49 29.54 -0.86 19.09
N VAL D 50 30.41 -0.60 18.10
CA VAL D 50 30.00 -0.74 16.71
CA VAL D 50 30.01 -0.73 16.70
C VAL D 50 31.01 -1.58 15.93
N VAL D 51 30.46 -2.46 15.10
CA VAL D 51 31.21 -3.03 13.97
C VAL D 51 30.91 -2.23 12.69
N ILE D 52 31.95 -1.62 12.13
CA ILE D 52 31.89 -0.81 10.92
C ILE D 52 32.23 -1.76 9.79
N HIS D 53 31.18 -2.25 9.07
CA HIS D 53 31.44 -3.06 7.90
C HIS D 53 31.78 -2.16 6.72
N TYR D 54 32.65 -2.62 5.84
CA TYR D 54 32.95 -1.88 4.60
C TYR D 54 33.33 -2.91 3.54
N HIS D 55 33.32 -2.44 2.29
CA HIS D 55 33.66 -3.30 1.17
C HIS D 55 34.93 -2.76 0.52
N ASN D 56 34.85 -1.57 -0.10
CA ASN D 56 36.02 -0.97 -0.71
C ASN D 56 36.56 0.22 0.08
N SER D 57 35.83 0.77 1.07
CA SER D 57 36.28 2.04 1.62
C SER D 57 37.06 1.78 2.93
N ALA D 58 38.20 1.07 2.83
CA ALA D 58 39.00 0.75 4.03
C ALA D 58 39.55 1.96 4.77
N GLU D 59 40.10 2.96 4.06
CA GLU D 59 40.70 4.12 4.71
C GLU D 59 39.63 4.86 5.50
N ALA D 60 38.44 5.07 4.89
CA ALA D 60 37.38 5.76 5.61
C ALA D 60 36.86 4.94 6.79
N ALA D 61 36.78 3.61 6.63
CA ALA D 61 36.29 2.78 7.71
C ALA D 61 37.22 2.85 8.93
N VAL D 62 38.52 2.72 8.62
CA VAL D 62 39.52 2.77 9.68
C VAL D 62 39.56 4.15 10.33
N SER D 63 39.49 5.22 9.54
CA SER D 63 39.40 6.58 10.07
CA SER D 63 39.44 6.56 10.10
C SER D 63 38.24 6.72 11.04
N LEU D 64 37.08 6.15 10.67
CA LEU D 64 35.94 6.30 11.58
C LEU D 64 36.24 5.50 12.86
N ALA D 65 36.73 4.25 12.72
CA ALA D 65 36.93 3.43 13.91
C ALA D 65 37.97 4.11 14.84
N ASP D 66 38.96 4.77 14.25
CA ASP D 66 39.96 5.40 15.10
C ASP D 66 39.33 6.58 15.85
N GLU D 67 38.48 7.38 15.15
CA GLU D 67 37.76 8.49 15.79
C GLU D 67 36.94 7.99 16.97
N LEU D 68 36.14 6.94 16.75
CA LEU D 68 35.24 6.41 17.77
C LEU D 68 36.02 5.84 18.95
N ASN D 69 37.15 5.17 18.66
CA ASN D 69 37.97 4.64 19.75
C ASN D 69 38.71 5.73 20.52
N LYS D 70 38.96 6.87 19.87
CA LYS D 70 39.56 7.97 20.60
C LYS D 70 38.55 8.51 21.60
N GLU D 71 37.28 8.52 21.22
CA GLU D 71 36.21 8.94 22.11
CA GLU D 71 36.22 8.94 22.12
C GLU D 71 36.07 7.95 23.28
N ARG D 72 36.06 6.65 23.01
CA ARG D 72 35.95 5.65 24.07
C ARG D 72 36.69 4.41 23.61
N SER D 73 37.76 4.04 24.35
CA SER D 73 38.60 2.93 23.91
C SER D 73 37.85 1.63 23.73
N ASN D 74 38.24 0.90 22.68
CA ASN D 74 37.78 -0.46 22.44
C ASN D 74 36.26 -0.52 22.24
N THR D 75 35.74 0.48 21.51
CA THR D 75 34.32 0.50 21.20
C THR D 75 34.01 0.38 19.70
N ALA D 76 35.04 0.26 18.83
CA ALA D 76 34.75 0.21 17.40
C ALA D 76 35.75 -0.74 16.75
N VAL D 77 35.26 -1.60 15.84
CA VAL D 77 36.14 -2.40 15.02
C VAL D 77 35.65 -2.27 13.57
N VAL D 78 36.48 -2.66 12.62
CA VAL D 78 36.06 -2.71 11.22
C VAL D 78 36.00 -4.16 10.76
N CYS D 79 35.13 -4.42 9.76
CA CYS D 79 35.02 -5.75 9.19
C CYS D 79 34.83 -5.59 7.68
N GLN D 80 35.70 -6.18 6.86
CA GLN D 80 35.56 -6.05 5.40
C GLN D 80 34.81 -7.25 4.84
N ALA D 81 33.88 -6.99 3.92
CA ALA D 81 33.23 -8.07 3.21
C ALA D 81 32.52 -7.54 1.96
N ASP D 82 32.64 -8.30 0.86
CA ASP D 82 31.76 -8.11 -0.30
C ASP D 82 30.42 -8.78 -0.05
N LEU D 83 29.33 -8.02 -0.25
CA LEU D 83 27.98 -8.52 0.03
C LEU D 83 27.27 -8.84 -1.30
N THR D 84 28.01 -8.88 -2.41
CA THR D 84 27.47 -9.48 -3.65
C THR D 84 27.04 -10.92 -3.38
N ASN D 85 25.96 -11.37 -4.03
CA ASN D 85 25.55 -12.78 -3.84
C ASN D 85 26.53 -13.72 -4.56
N SER D 86 26.82 -14.81 -3.88
CA SER D 86 27.75 -15.83 -4.39
C SER D 86 27.65 -17.03 -3.46
N ASN D 87 28.35 -18.13 -3.80
CA ASN D 87 28.38 -19.30 -2.93
C ASN D 87 29.01 -19.03 -1.55
N VAL D 88 29.84 -17.99 -1.40
CA VAL D 88 30.45 -17.75 -0.09
C VAL D 88 29.70 -16.67 0.70
N LEU D 89 28.66 -16.06 0.11
CA LEU D 89 27.97 -14.95 0.83
C LEU D 89 27.44 -15.43 2.19
N PRO D 90 26.80 -16.62 2.36
CA PRO D 90 26.34 -17.02 3.69
C PRO D 90 27.47 -17.07 4.71
N ALA D 91 28.67 -17.57 4.30
CA ALA D 91 29.75 -17.60 5.27
C ALA D 91 30.23 -16.20 5.61
N SER D 92 30.29 -15.33 4.59
CA SER D 92 30.68 -13.95 4.85
C SER D 92 29.72 -13.31 5.87
N CYS D 93 28.43 -13.56 5.69
CA CYS D 93 27.49 -12.84 6.55
C CYS D 93 27.57 -13.43 7.98
N GLU D 94 27.83 -14.75 8.08
CA GLU D 94 28.02 -15.35 9.40
C GLU D 94 29.26 -14.74 10.08
N GLU D 95 30.33 -14.49 9.31
CA GLU D 95 31.57 -13.87 9.79
C GLU D 95 31.37 -12.43 10.28
N ILE D 96 30.50 -11.65 9.58
CA ILE D 96 30.23 -10.31 10.06
C ILE D 96 29.56 -10.35 11.43
N ILE D 97 28.53 -11.18 11.59
CA ILE D 97 27.87 -11.24 12.89
C ILE D 97 28.87 -11.78 13.92
N ASN D 98 29.62 -12.83 13.55
N ASN D 98 29.65 -12.81 13.51
CA ASN D 98 30.58 -13.38 14.50
CA ASN D 98 30.69 -13.42 14.33
C ASN D 98 31.58 -12.31 14.93
C ASN D 98 31.63 -12.35 14.87
N SER D 99 31.96 -11.37 14.02
CA SER D 99 32.94 -10.33 14.35
CA SER D 99 32.94 -10.34 14.36
C SER D 99 32.44 -9.50 15.53
N CYS D 100 31.12 -9.26 15.57
CA CYS D 100 30.54 -8.49 16.66
C CYS D 100 30.64 -9.27 17.98
N PHE D 101 30.33 -10.56 17.95
CA PHE D 101 30.43 -11.38 19.16
C PHE D 101 31.89 -11.52 19.62
N ARG D 102 32.84 -11.66 18.69
CA ARG D 102 34.25 -11.78 19.04
CA ARG D 102 34.25 -11.80 19.06
C ARG D 102 34.77 -10.50 19.69
N ALA D 103 34.36 -9.36 19.15
CA ALA D 103 34.82 -8.05 19.61
C ALA D 103 34.15 -7.63 20.91
N PHE D 104 32.84 -7.94 21.10
CA PHE D 104 32.07 -7.27 22.12
C PHE D 104 31.27 -8.21 23.00
N GLY D 105 31.17 -9.49 22.64
CA GLY D 105 30.54 -10.53 23.43
C GLY D 105 29.02 -10.61 23.24
N ARG D 106 28.50 -9.78 22.32
CA ARG D 106 27.06 -9.66 22.16
C ARG D 106 26.80 -8.95 20.82
N CYS D 107 25.56 -9.10 20.33
CA CYS D 107 25.19 -8.30 19.14
C CYS D 107 23.71 -7.96 19.32
N ASP D 108 23.42 -6.70 19.63
CA ASP D 108 22.07 -6.26 19.98
C ASP D 108 21.32 -5.72 18.77
N VAL D 109 22.07 -5.11 17.83
CA VAL D 109 21.43 -4.38 16.71
C VAL D 109 22.14 -4.75 15.42
N LEU D 110 21.33 -4.93 14.35
CA LEU D 110 21.91 -5.08 13.01
C LEU D 110 21.24 -3.98 12.17
N VAL D 111 22.06 -3.18 11.47
CA VAL D 111 21.53 -2.22 10.52
C VAL D 111 21.99 -2.57 9.11
N ASN D 112 21.02 -2.97 8.30
CA ASN D 112 21.32 -3.35 6.91
C ASN D 112 21.24 -2.10 6.03
N ASN D 113 22.37 -1.45 5.88
CA ASN D 113 22.51 -0.20 5.15
C ASN D 113 23.22 -0.33 3.82
N ALA D 114 24.20 -1.23 3.68
CA ALA D 114 24.95 -1.31 2.41
C ALA D 114 24.04 -1.53 1.22
N SER D 115 24.40 -0.90 0.10
CA SER D 115 23.49 -0.98 -1.03
C SER D 115 24.23 -0.64 -2.31
N ALA D 116 24.08 -1.45 -3.35
CA ALA D 116 24.49 -1.03 -4.70
C ALA D 116 23.32 -0.40 -5.43
N PHE D 117 23.64 0.53 -6.34
CA PHE D 117 22.61 1.26 -7.03
C PHE D 117 23.20 1.71 -8.37
N TYR D 118 22.57 1.25 -9.45
CA TYR D 118 22.92 1.69 -10.79
C TYR D 118 21.85 1.15 -11.73
N PRO D 119 21.67 1.75 -12.92
CA PRO D 119 20.58 1.37 -13.83
C PRO D 119 20.87 0.02 -14.48
N THR D 120 19.77 -0.73 -14.73
CA THR D 120 19.82 -2.01 -15.41
C THR D 120 18.70 -2.02 -16.48
N PRO D 121 18.85 -1.31 -17.61
CA PRO D 121 17.75 -1.14 -18.55
C PRO D 121 17.31 -2.49 -19.10
N LEU D 122 16.00 -2.59 -19.36
CA LEU D 122 15.44 -3.85 -19.86
C LEU D 122 15.71 -4.00 -21.35
N VAL D 123 15.86 -2.87 -22.05
CA VAL D 123 16.10 -2.90 -23.50
C VAL D 123 17.42 -2.18 -23.85
N LYS D 134 29.38 -5.09 -17.26
CA LYS D 134 29.00 -6.19 -16.35
C LYS D 134 27.94 -7.03 -17.03
N THR D 135 28.04 -8.34 -16.84
CA THR D 135 27.00 -9.23 -17.30
C THR D 135 25.74 -9.01 -16.45
N VAL D 136 24.60 -9.35 -17.05
CA VAL D 136 23.36 -9.27 -16.30
C VAL D 136 23.45 -10.13 -15.03
N GLU D 137 24.05 -11.32 -15.04
CA GLU D 137 24.05 -12.09 -13.80
C GLU D 137 24.95 -11.46 -12.74
N THR D 138 26.00 -10.70 -13.15
CA THR D 138 26.75 -9.94 -12.15
C THR D 138 25.86 -8.83 -11.55
N GLN D 139 25.06 -8.16 -12.41
CA GLN D 139 24.17 -7.11 -11.95
CA GLN D 139 24.11 -7.11 -12.01
C GLN D 139 23.14 -7.68 -10.99
N VAL D 140 22.58 -8.85 -11.30
CA VAL D 140 21.70 -9.53 -10.37
C VAL D 140 22.40 -9.79 -9.03
N ALA D 141 23.59 -10.38 -9.08
CA ALA D 141 24.31 -10.73 -7.84
C ALA D 141 24.59 -9.51 -6.99
N GLU D 142 24.99 -8.42 -7.65
CA GLU D 142 25.30 -7.21 -6.93
C GLU D 142 24.05 -6.51 -6.38
N LEU D 143 23.06 -6.24 -7.22
CA LEU D 143 21.90 -5.42 -6.84
C LEU D 143 20.96 -6.23 -5.93
N ILE D 144 20.71 -7.48 -6.24
CA ILE D 144 19.83 -8.26 -5.39
C ILE D 144 20.62 -8.75 -4.20
N GLY D 145 21.92 -9.07 -4.37
CA GLY D 145 22.70 -9.49 -3.18
C GLY D 145 22.80 -8.44 -2.09
N THR D 146 23.32 -7.26 -2.45
CA THR D 146 23.52 -6.24 -1.44
C THR D 146 22.20 -5.77 -0.88
N ASN D 147 21.17 -5.62 -1.73
CA ASN D 147 19.95 -4.99 -1.22
C ASN D 147 19.03 -5.97 -0.52
N ALA D 148 19.16 -7.27 -0.78
CA ALA D 148 18.15 -8.20 -0.25
C ALA D 148 18.76 -9.48 0.31
N ILE D 149 19.60 -10.16 -0.46
CA ILE D 149 20.05 -11.47 0.01
C ILE D 149 21.02 -11.32 1.19
N ALA D 150 21.96 -10.37 1.12
CA ALA D 150 22.84 -10.20 2.26
C ALA D 150 22.02 -9.85 3.50
N PRO D 151 21.06 -8.89 3.45
CA PRO D 151 20.26 -8.61 4.64
C PRO D 151 19.58 -9.87 5.18
N PHE D 152 19.06 -10.70 4.27
CA PHE D 152 18.46 -12.00 4.65
C PHE D 152 19.45 -12.87 5.44
N LEU D 153 20.63 -13.10 4.85
CA LEU D 153 21.62 -13.97 5.47
C LEU D 153 22.14 -13.38 6.80
N LEU D 154 22.34 -12.05 6.86
CA LEU D 154 22.75 -11.39 8.10
C LEU D 154 21.66 -11.53 9.18
N THR D 155 20.40 -11.39 8.78
CA THR D 155 19.26 -11.58 9.68
C THR D 155 19.25 -13.02 10.21
N MET D 156 19.50 -14.02 9.35
CA MET D 156 19.55 -15.43 9.77
CA MET D 156 19.52 -15.41 9.79
C MET D 156 20.66 -15.60 10.80
N SER D 157 21.85 -15.14 10.46
CA SER D 157 23.02 -15.22 11.34
C SER D 157 22.78 -14.52 12.68
N PHE D 158 22.24 -13.30 12.63
CA PHE D 158 21.88 -12.54 13.81
C PHE D 158 20.95 -13.35 14.72
N ALA D 159 19.84 -13.85 14.18
CA ALA D 159 18.83 -14.56 14.99
C ALA D 159 19.40 -15.87 15.53
N GLN D 160 20.18 -16.58 14.72
CA GLN D 160 20.70 -17.89 15.15
C GLN D 160 21.63 -17.72 16.35
N ARG D 161 22.39 -16.61 16.36
CA ARG D 161 23.39 -16.39 17.40
C ARG D 161 22.82 -15.89 18.73
N GLN D 162 21.53 -15.56 18.80
CA GLN D 162 20.97 -15.03 20.03
C GLN D 162 20.60 -16.19 20.98
N SER D 172 18.31 -7.58 25.89
CA SER D 172 17.26 -6.70 26.48
C SER D 172 16.36 -6.11 25.39
N ASN D 173 16.97 -5.62 24.29
CA ASN D 173 16.26 -4.89 23.26
C ASN D 173 16.95 -5.15 21.92
N LEU D 174 16.63 -6.31 21.32
CA LEU D 174 17.30 -6.75 20.09
C LEU D 174 16.48 -6.22 18.92
N SER D 175 17.15 -5.62 17.91
CA SER D 175 16.38 -5.23 16.76
C SER D 175 17.25 -5.14 15.51
N ILE D 176 16.54 -5.20 14.36
CA ILE D 176 17.19 -5.07 13.07
C ILE D 176 16.49 -3.89 12.41
N VAL D 177 17.26 -3.06 11.69
CA VAL D 177 16.71 -1.95 10.92
C VAL D 177 17.25 -2.07 9.47
N ASN D 178 16.33 -2.12 8.52
CA ASN D 178 16.71 -2.24 7.12
C ASN D 178 16.47 -0.91 6.39
N LEU D 179 17.47 -0.48 5.61
CA LEU D 179 17.37 0.83 4.94
C LEU D 179 16.68 0.56 3.60
N CYS D 180 15.42 0.97 3.54
CA CYS D 180 14.50 0.75 2.45
C CYS D 180 14.54 1.99 1.51
N ASP D 181 13.47 2.24 0.74
CA ASP D 181 13.50 3.37 -0.21
C ASP D 181 12.07 3.89 -0.35
N ALA D 182 11.80 5.15 0.00
CA ALA D 182 10.41 5.61 0.03
C ALA D 182 9.81 5.64 -1.37
N MET D 183 10.65 5.53 -2.42
CA MET D 183 10.12 5.69 -3.77
C MET D 183 9.95 4.35 -4.49
N VAL D 184 9.78 3.26 -3.74
CA VAL D 184 9.77 1.94 -4.32
C VAL D 184 8.56 1.75 -5.25
N ASP D 185 7.46 2.46 -4.99
CA ASP D 185 6.30 2.30 -5.88
C ASP D 185 6.24 3.37 -6.96
N GLN D 186 7.22 4.28 -7.05
CA GLN D 186 7.27 5.28 -8.12
C GLN D 186 8.75 5.32 -8.55
N PRO D 187 9.21 4.22 -9.16
CA PRO D 187 10.65 3.97 -9.25
C PRO D 187 11.32 4.81 -10.33
N CYS D 188 12.64 5.03 -10.17
N CYS D 188 12.65 4.92 -10.20
CA CYS D 188 13.36 5.69 -11.26
CA CYS D 188 13.46 5.53 -11.23
C CYS D 188 13.37 4.74 -12.47
C CYS D 188 13.39 4.68 -12.51
N MET D 189 13.23 5.34 -13.65
CA MET D 189 13.25 4.68 -14.93
C MET D 189 14.54 3.87 -15.13
N ALA D 190 14.41 2.60 -15.54
CA ALA D 190 15.54 1.73 -15.90
C ALA D 190 16.32 1.21 -14.70
N PHE D 191 15.69 1.23 -13.50
CA PHE D 191 16.30 0.68 -12.29
C PHE D 191 15.59 -0.59 -11.81
N SER D 192 15.21 -1.49 -12.72
CA SER D 192 14.33 -2.57 -12.30
CA SER D 192 14.37 -2.64 -12.37
C SER D 192 15.02 -3.45 -11.27
N LEU D 193 16.31 -3.81 -11.45
CA LEU D 193 16.91 -4.72 -10.46
C LEU D 193 17.06 -4.09 -9.07
N TYR D 194 17.50 -2.82 -9.03
CA TYR D 194 17.56 -2.14 -7.74
C TYR D 194 16.17 -2.10 -7.09
N ASN D 195 15.12 -1.76 -7.86
CA ASN D 195 13.77 -1.64 -7.29
CA ASN D 195 13.78 -1.66 -7.29
C ASN D 195 13.27 -3.03 -6.83
N MET D 196 13.59 -4.07 -7.60
CA MET D 196 13.19 -5.42 -7.17
C MET D 196 13.90 -5.74 -5.84
N GLY D 197 15.21 -5.40 -5.70
CA GLY D 197 15.94 -5.66 -4.47
C GLY D 197 15.32 -4.91 -3.28
N LYS D 198 14.99 -3.63 -3.47
CA LYS D 198 14.35 -2.89 -2.36
C LYS D 198 12.95 -3.40 -2.02
N HIS D 199 12.15 -3.82 -3.04
CA HIS D 199 10.88 -4.43 -2.69
C HIS D 199 11.13 -5.73 -1.91
N ALA D 200 12.14 -6.55 -2.32
CA ALA D 200 12.37 -7.80 -1.58
C ALA D 200 12.76 -7.46 -0.13
N LEU D 201 13.45 -6.34 0.08
CA LEU D 201 13.81 -5.95 1.44
C LEU D 201 12.59 -5.57 2.28
N VAL D 202 11.54 -5.00 1.71
CA VAL D 202 10.30 -4.76 2.44
C VAL D 202 9.71 -6.11 2.82
N GLY D 203 9.75 -7.09 1.89
CA GLY D 203 9.23 -8.40 2.24
C GLY D 203 10.02 -9.04 3.37
N LEU D 204 11.35 -8.92 3.32
CA LEU D 204 12.15 -9.46 4.42
C LEU D 204 11.76 -8.80 5.75
N THR D 205 11.61 -7.46 5.71
CA THR D 205 11.30 -6.73 6.95
C THR D 205 10.01 -7.31 7.52
N GLN D 206 8.97 -7.49 6.69
CA GLN D 206 7.70 -8.00 7.22
C GLN D 206 7.82 -9.46 7.66
N SER D 207 8.43 -10.30 6.82
CA SER D 207 8.49 -11.74 7.11
C SER D 207 9.37 -11.97 8.34
N ALA D 208 10.50 -11.27 8.46
CA ALA D 208 11.40 -11.41 9.60
C ALA D 208 10.74 -10.85 10.88
N ALA D 209 10.01 -9.74 10.76
CA ALA D 209 9.33 -9.23 11.96
C ALA D 209 8.37 -10.30 12.51
N LEU D 210 7.60 -10.95 11.63
CA LEU D 210 6.66 -11.94 12.10
CA LEU D 210 6.66 -11.95 12.07
C LEU D 210 7.35 -13.16 12.71
N GLU D 211 8.38 -13.68 12.04
CA GLU D 211 9.02 -14.90 12.47
C GLU D 211 9.90 -14.69 13.71
N LEU D 212 10.52 -13.50 13.88
CA LEU D 212 11.45 -13.24 14.98
C LEU D 212 10.76 -12.68 16.24
N ALA D 213 9.50 -12.23 16.09
CA ALA D 213 8.81 -11.59 17.22
C ALA D 213 8.78 -12.55 18.42
N PRO D 214 8.59 -13.88 18.28
CA PRO D 214 8.68 -14.80 19.45
C PRO D 214 9.98 -14.80 20.23
N TYR D 215 11.09 -14.34 19.61
CA TYR D 215 12.40 -14.30 20.22
C TYR D 215 12.64 -12.89 20.73
N GLY D 216 11.65 -12.03 20.60
CA GLY D 216 11.76 -10.67 21.08
C GLY D 216 12.69 -9.81 20.22
N ILE D 217 12.88 -10.23 18.94
CA ILE D 217 13.68 -9.39 18.04
C ILE D 217 12.70 -8.61 17.18
N ARG D 218 12.89 -7.27 17.18
CA ARG D 218 12.00 -6.44 16.37
C ARG D 218 12.73 -6.18 15.02
N VAL D 219 11.93 -6.03 13.96
CA VAL D 219 12.52 -5.82 12.62
C VAL D 219 11.75 -4.71 11.94
N ASN D 220 12.45 -3.62 11.57
CA ASN D 220 11.78 -2.43 11.05
C ASN D 220 12.63 -1.84 9.91
N GLY D 221 12.05 -0.83 9.23
CA GLY D 221 12.80 -0.21 8.15
C GLY D 221 12.75 1.28 8.30
N VAL D 222 13.68 1.93 7.57
CA VAL D 222 13.69 3.39 7.43
C VAL D 222 13.85 3.63 5.95
N ALA D 223 12.92 4.40 5.40
CA ALA D 223 12.86 4.55 3.95
C ALA D 223 13.17 6.00 3.56
N PRO D 224 14.41 6.35 3.18
CA PRO D 224 14.70 7.72 2.76
C PRO D 224 14.04 7.97 1.41
N GLY D 225 13.81 9.28 1.15
CA GLY D 225 13.44 9.71 -0.19
C GLY D 225 14.71 10.14 -0.92
N VAL D 226 14.99 11.43 -0.93
CA VAL D 226 16.26 11.98 -1.35
CA VAL D 226 16.32 11.83 -1.33
CA VAL D 226 16.31 11.85 -1.33
C VAL D 226 17.07 12.32 -0.10
N SER D 227 18.23 11.70 0.10
CA SER D 227 19.10 12.11 1.18
C SER D 227 20.38 12.55 0.49
N LEU D 228 21.52 12.18 1.05
CA LEU D 228 22.75 12.64 0.43
C LEU D 228 22.80 12.18 -1.04
N LEU D 229 23.05 13.16 -1.92
CA LEU D 229 23.00 12.85 -3.33
C LEU D 229 24.34 12.29 -3.78
N PRO D 230 24.37 11.57 -4.93
CA PRO D 230 25.58 10.88 -5.40
C PRO D 230 26.69 11.91 -5.57
N VAL D 231 27.94 11.48 -5.35
CA VAL D 231 29.05 12.43 -5.30
C VAL D 231 29.25 13.07 -6.69
N ALA D 232 29.03 12.28 -7.76
CA ALA D 232 29.33 12.71 -9.12
C ALA D 232 28.39 13.85 -9.56
N MET D 233 27.11 13.67 -9.21
CA MET D 233 26.00 14.49 -9.67
C MET D 233 26.33 15.99 -9.62
N GLY D 234 26.11 16.71 -10.74
CA GLY D 234 26.23 18.17 -10.76
C GLY D 234 25.15 18.88 -9.94
N GLU D 235 25.46 20.10 -9.42
CA GLU D 235 24.49 20.84 -8.61
C GLU D 235 23.19 21.07 -9.35
N GLU D 236 23.25 21.30 -10.68
CA GLU D 236 22.04 21.60 -11.39
C GLU D 236 21.10 20.40 -11.31
N GLU D 237 21.68 19.18 -11.41
CA GLU D 237 20.85 17.97 -11.31
C GLU D 237 20.43 17.78 -9.85
N LYS D 238 21.33 18.06 -8.89
CA LYS D 238 20.95 17.88 -7.51
C LYS D 238 19.79 18.82 -7.15
N ASP D 239 19.81 20.04 -7.71
CA ASP D 239 18.75 20.99 -7.44
C ASP D 239 17.41 20.55 -8.06
N LYS D 240 17.44 19.81 -9.18
CA LYS D 240 16.21 19.28 -9.78
CA LYS D 240 16.20 19.31 -9.76
C LYS D 240 15.54 18.37 -8.75
N TRP D 241 16.35 17.60 -8.02
CA TRP D 241 15.79 16.67 -7.02
C TRP D 241 15.29 17.44 -5.80
N ARG D 242 16.13 18.39 -5.35
CA ARG D 242 15.87 19.14 -4.14
C ARG D 242 14.55 19.89 -4.29
N ARG D 243 14.30 20.47 -5.49
CA ARG D 243 13.10 21.28 -5.71
C ARG D 243 11.81 20.46 -5.69
N LYS D 244 11.91 19.13 -5.81
CA LYS D 244 10.72 18.29 -5.75
C LYS D 244 10.25 18.06 -4.30
N VAL D 245 11.12 18.30 -3.31
CA VAL D 245 10.80 17.90 -1.93
C VAL D 245 9.92 18.97 -1.28
N PRO D 246 8.66 18.67 -0.89
CA PRO D 246 7.80 19.67 -0.26
C PRO D 246 8.36 20.33 0.98
N LEU D 247 8.93 19.54 1.89
CA LEU D 247 9.34 20.06 3.17
C LEU D 247 10.75 20.64 3.07
N GLY D 248 10.85 21.92 2.63
CA GLY D 248 12.16 22.57 2.70
C GLY D 248 12.93 22.58 1.38
N ARG D 249 12.45 21.87 0.34
CA ARG D 249 13.10 21.78 -0.96
C ARG D 249 14.59 21.51 -0.78
N ARG D 250 14.87 20.48 0.03
CA ARG D 250 16.25 20.05 0.26
C ARG D 250 16.21 18.54 0.57
N GLU D 251 17.36 17.89 0.38
CA GLU D 251 17.51 16.46 0.68
C GLU D 251 17.69 16.29 2.19
N ALA D 252 17.42 15.08 2.71
CA ALA D 252 17.68 14.80 4.11
C ALA D 252 19.18 14.75 4.33
N SER D 253 19.56 15.17 5.49
CA SER D 253 20.93 14.91 5.91
C SER D 253 21.07 13.42 6.26
N ALA D 254 22.33 12.95 6.33
CA ALA D 254 22.49 11.55 6.78
C ALA D 254 22.06 11.46 8.23
N GLU D 255 22.25 12.53 9.04
CA GLU D 255 21.93 12.50 10.46
C GLU D 255 20.39 12.40 10.63
N GLN D 256 19.62 13.05 9.72
CA GLN D 256 18.16 12.90 9.76
C GLN D 256 17.71 11.45 9.56
N ILE D 257 18.35 10.77 8.63
CA ILE D 257 18.02 9.37 8.44
C ILE D 257 18.41 8.62 9.71
N ALA D 258 19.68 8.84 10.18
CA ALA D 258 20.12 8.17 11.41
C ALA D 258 19.19 8.35 12.59
N ASP D 259 18.62 9.55 12.73
CA ASP D 259 17.70 9.76 13.85
C ASP D 259 16.51 8.76 13.87
N ALA D 260 15.97 8.39 12.70
CA ALA D 260 14.87 7.44 12.64
C ALA D 260 15.40 6.08 13.04
N VAL D 261 16.63 5.74 12.59
CA VAL D 261 17.20 4.46 12.99
C VAL D 261 17.36 4.39 14.52
N ILE D 262 17.92 5.44 15.15
CA ILE D 262 18.08 5.53 16.62
C ILE D 262 16.74 5.41 17.35
N PHE D 263 15.66 6.03 16.84
CA PHE D 263 14.35 5.82 17.46
C PHE D 263 13.96 4.35 17.44
N LEU D 264 14.12 3.71 16.25
CA LEU D 264 13.63 2.33 16.11
C LEU D 264 14.39 1.35 16.98
N VAL D 265 15.66 1.61 17.25
CA VAL D 265 16.38 0.69 18.12
C VAL D 265 16.20 1.00 19.60
N SER D 266 15.57 2.14 19.90
CA SER D 266 15.46 2.61 21.29
C SER D 266 14.31 1.91 22.04
N GLY D 267 14.33 2.14 23.37
CA GLY D 267 13.26 1.78 24.31
C GLY D 267 11.90 2.43 23.99
N SER D 268 11.92 3.51 23.21
CA SER D 268 10.71 4.22 22.80
C SER D 268 9.96 3.52 21.65
N ALA D 269 10.56 2.44 21.11
CA ALA D 269 9.99 1.76 19.97
C ALA D 269 9.76 0.28 20.31
N GLN D 270 9.64 -0.03 21.63
CA GLN D 270 9.65 -1.42 22.06
C GLN D 270 8.46 -2.23 21.55
N TYR D 271 7.39 -1.58 21.08
CA TYR D 271 6.22 -2.31 20.56
C TYR D 271 6.17 -2.27 19.03
N ILE D 272 7.19 -1.61 18.44
CA ILE D 272 7.13 -1.41 16.98
C ILE D 272 7.93 -2.52 16.29
N THR D 273 7.22 -3.27 15.43
CA THR D 273 7.90 -4.27 14.59
C THR D 273 7.16 -4.40 13.28
N GLY D 274 7.90 -4.63 12.18
CA GLY D 274 7.28 -4.76 10.87
C GLY D 274 6.94 -3.38 10.27
N SER D 275 7.43 -2.29 10.85
CA SER D 275 7.02 -0.96 10.39
C SER D 275 8.16 -0.37 9.57
N ILE D 276 7.81 0.43 8.54
CA ILE D 276 8.83 1.14 7.80
C ILE D 276 8.54 2.63 7.81
N ILE D 277 9.46 3.43 8.41
CA ILE D 277 9.27 4.87 8.64
C ILE D 277 9.84 5.61 7.42
N LYS D 278 9.02 6.30 6.73
CA LYS D 278 9.37 7.13 5.54
C LYS D 278 10.10 8.39 6.04
N VAL D 279 11.29 8.70 5.59
CA VAL D 279 11.95 9.91 6.04
C VAL D 279 12.27 10.65 4.75
N ASP D 280 11.24 11.34 4.20
CA ASP D 280 11.34 11.75 2.82
C ASP D 280 10.80 13.17 2.54
N GLY D 281 10.50 13.89 3.62
CA GLY D 281 10.12 15.31 3.42
C GLY D 281 8.83 15.46 2.58
N GLY D 282 8.04 14.38 2.42
CA GLY D 282 6.85 14.50 1.62
C GLY D 282 7.04 14.10 0.16
N LEU D 283 8.26 13.71 -0.26
CA LEU D 283 8.57 13.48 -1.69
C LEU D 283 7.64 12.45 -2.36
N SER D 284 7.38 11.34 -1.64
CA SER D 284 6.60 10.27 -2.21
C SER D 284 5.14 10.65 -2.40
N LEU D 285 4.69 11.75 -1.76
CA LEU D 285 3.30 12.21 -1.94
C LEU D 285 3.09 13.07 -3.19
N VAL D 286 4.15 13.40 -3.91
CA VAL D 286 4.11 14.36 -5.01
C VAL D 286 3.83 13.63 -6.31
N HIS D 287 2.72 14.01 -6.98
CA HIS D 287 2.38 13.40 -8.25
C HIS D 287 3.30 13.89 -9.37
N ALA D 288 3.29 13.15 -10.48
CA ALA D 288 4.11 13.47 -11.65
C ALA D 288 3.84 14.88 -12.19
PA NAP E . 2.61 -24.62 -8.65
O1A NAP E . 1.70 -25.79 -9.03
O2A NAP E . 3.10 -24.69 -7.23
O5B NAP E . 3.90 -24.39 -9.61
C5B NAP E . 3.79 -23.94 -10.96
C4B NAP E . 4.89 -24.59 -11.80
O4B NAP E . 6.14 -23.95 -11.45
C3B NAP E . 5.22 -26.04 -11.48
O3B NAP E . 4.28 -26.97 -12.09
C2B NAP E . 6.65 -26.19 -11.96
O2B NAP E . 6.77 -26.77 -13.26
C1B NAP E . 7.13 -24.70 -12.07
N9A NAP E . 8.39 -24.66 -11.34
C8A NAP E . 8.65 -24.93 -10.02
N7A NAP E . 10.03 -24.82 -9.87
C5A NAP E . 10.56 -24.54 -11.08
C6A NAP E . 11.91 -24.37 -11.61
N6A NAP E . 12.97 -24.49 -10.75
N1A NAP E . 12.08 -24.08 -12.87
C2A NAP E . 11.04 -23.93 -13.72
N3A NAP E . 9.74 -24.12 -13.31
C4A NAP E . 9.48 -24.44 -12.04
O3 NAP E . 1.84 -23.20 -8.89
PN NAP E . 0.25 -22.94 -8.86
O1N NAP E . -0.34 -23.47 -10.17
O2N NAP E . -0.16 -23.40 -7.43
O5D NAP E . 0.29 -21.29 -8.81
C5D NAP E . 0.54 -20.63 -10.08
C4D NAP E . 1.12 -19.21 -9.81
O4D NAP E . 0.23 -18.50 -8.91
C3D NAP E . 2.41 -19.30 -8.98
O3D NAP E . 3.29 -18.21 -9.34
C2D NAP E . 2.03 -19.05 -7.51
O2D NAP E . 3.10 -18.51 -6.65
C1D NAP E . 0.85 -18.14 -7.65
N1N NAP E . -0.03 -18.35 -6.46
C2N NAP E . -0.79 -19.46 -6.32
C3N NAP E . -1.56 -19.65 -5.19
C7N NAP E . -2.38 -20.88 -5.02
O7N NAP E . -3.13 -20.89 -4.04
N7N NAP E . -2.15 -21.93 -5.88
C4N NAP E . -1.56 -18.66 -4.18
C5N NAP E . -0.74 -17.51 -4.33
C6N NAP E . 0.02 -17.35 -5.51
P2B NAP E . 6.98 -28.42 -13.46
O1X NAP E . 7.04 -28.47 -14.98
O2X NAP E . 5.77 -28.98 -12.81
O3X NAP E . 8.24 -28.80 -12.73
N1 1CY F . 2.65 -22.95 -5.07
C2 1CY F . 3.27 -21.80 -5.35
N3 1CY F . 2.94 -20.68 -4.67
C4 1CY F . 2.04 -20.73 -3.64
N5 1CY F . 1.37 -21.97 -3.31
C6 1CY F . 1.74 -23.21 -3.97
N7 1CY F . 4.15 -21.85 -6.38
N8 1CY F . 1.73 -19.61 -2.98
C9 1CY F . 2.59 -24.02 -3.02
C10 1CY F . 0.53 -24.08 -4.31
C11 1CY F . 0.50 -22.04 -2.20
C12 1CY F . 1.08 -22.25 -0.95
C13 1CY F . 0.31 -22.34 0.22
C14 1CY F . -1.06 -22.19 0.09
C15 1CY F . -1.65 -21.97 -1.15
C16 1CY F . -0.89 -21.90 -2.31
CL17 1CY F . -2.09 -22.28 1.54
C ACT G . -7.42 -3.48 -1.47
O ACT G . -7.16 -3.40 -0.24
OXT ACT G . -6.70 -4.10 -2.28
CH3 ACT G . -8.59 -2.69 -2.00
C1 GOL H . 6.28 -26.76 -7.88
O1 GOL H . 5.09 -27.48 -7.59
C2 GOL H . 6.56 -25.64 -6.89
O2 GOL H . 5.56 -24.62 -6.87
C3 GOL H . 6.92 -26.10 -5.48
O3 GOL H . 8.22 -25.69 -5.07
S DMS I . 0.75 -0.98 -8.56
O DMS I . 1.61 -0.36 -7.50
C1 DMS I . 1.17 -2.68 -8.56
C2 DMS I . -0.81 -1.12 -7.77
PA NAP J . -11.14 6.16 23.21
O1A NAP J . -10.83 6.00 24.68
O2A NAP J . -12.10 5.18 22.60
O5B NAP J . -11.69 7.64 22.89
C5B NAP J . -10.85 8.78 23.16
C4B NAP J . -11.75 9.98 23.40
O4B NAP J . -12.51 10.36 22.21
C3B NAP J . -12.81 9.76 24.44
O3B NAP J . -12.25 9.81 25.77
C2B NAP J . -13.75 10.92 24.18
O2B NAP J . -13.62 12.00 25.13
C1B NAP J . -13.38 11.35 22.70
N9A NAP J . -14.61 11.31 21.93
C8A NAP J . -15.41 10.26 21.67
N7A NAP J . -16.50 10.75 21.01
C5A NAP J . -16.34 12.12 20.89
C6A NAP J . -17.10 13.29 20.47
N6A NAP J . -18.31 13.07 19.92
N1A NAP J . -16.63 14.56 20.53
C2A NAP J . -15.42 14.84 21.12
N3A NAP J . -14.70 13.79 21.65
C4A NAP J . -15.09 12.48 21.53
O3 NAP J . -9.70 6.20 22.41
PN NAP J . -8.37 5.34 22.78
O1N NAP J . -7.62 6.11 23.88
O2N NAP J . -8.74 3.89 22.97
O5D NAP J . -7.59 5.49 21.37
C5D NAP J . -7.00 6.78 21.07
C4D NAP J . -6.87 6.96 19.55
O4D NAP J . -6.16 5.84 19.01
C3D NAP J . -8.25 6.96 18.83
O3D NAP J . -8.12 7.78 17.66
C2D NAP J . -8.38 5.52 18.35
O2D NAP J . -9.21 5.33 17.21
C1D NAP J . -6.95 5.17 17.96
N1N NAP J . -6.79 3.71 18.11
C2N NAP J . -6.85 3.09 19.36
C3N NAP J . -6.69 1.72 19.46
C7N NAP J . -6.77 1.04 20.83
O7N NAP J . -6.46 -0.16 20.86
N7N NAP J . -7.18 1.80 21.89
C4N NAP J . -6.50 0.91 18.34
C5N NAP J . -6.49 1.58 17.11
C6N NAP J . -6.65 2.95 17.00
P2B NAP J . -14.58 12.10 26.46
O1X NAP J . -14.07 13.40 26.99
O2X NAP J . -14.21 10.90 27.25
O3X NAP J . -16.00 12.13 26.03
N1 1CY K . -11.71 3.25 20.63
C2 1CY K . -11.56 3.91 19.46
N3 1CY K . -11.04 3.26 18.40
C4 1CY K . -10.75 1.95 18.46
N5 1CY K . -10.91 1.22 19.66
C6 1CY K . -11.51 1.81 20.85
N7 1CY K . -11.90 5.22 19.41
N8 1CY K . -10.23 1.32 17.38
C9 1CY K . -12.94 1.26 20.95
C10 1CY K . -10.74 1.36 22.09
C11 1CY K . -10.63 -0.17 19.75
C12 1CY K . -11.60 -1.01 19.21
C13 1CY K . -11.43 -2.38 19.23
C14 1CY K . -10.28 -2.85 19.80
C15 1CY K . -9.29 -2.04 20.36
C16 1CY K . -9.48 -0.66 20.32
CL17 1CY K . -10.14 -4.61 19.82
C ACT L . -6.63 7.23 32.44
O ACT L . -5.40 7.32 32.23
OXT ACT L . -7.41 6.64 31.67
CH3 ACT L . -7.20 7.88 33.72
C1 GOL M . -4.96 -7.13 33.87
O1 GOL M . -3.81 -7.59 33.14
C2 GOL M . -6.23 -7.49 33.14
O2 GOL M . -5.89 -8.57 32.27
C3 GOL M . -6.79 -6.30 32.37
O3 GOL M . -7.72 -6.67 31.34
C1 GOL N . 0.04 -3.55 28.18
O1 GOL N . 0.16 -4.83 27.57
C2 GOL N . -0.93 -3.61 29.33
O2 GOL N . -0.57 -4.72 30.16
C3 GOL N . -0.95 -2.33 30.13
O3 GOL N . -1.37 -1.24 29.32
C1 GOL O . -21.81 16.38 5.95
O1 GOL O . -23.16 16.83 6.01
C2 GOL O . -21.68 14.89 6.17
O2 GOL O . -21.07 14.33 5.00
C3 GOL O . -20.85 14.54 7.39
O3 GOL O . -21.60 14.48 8.59
S DMS P . 4.54 -2.91 6.87
O DMS P . 3.89 -3.85 5.89
C1 DMS P . 6.10 -2.49 6.14
C2 DMS P . 3.72 -1.39 6.56
PA NAP Q . -18.04 13.83 -13.38
O1A NAP Q . -18.48 14.07 -14.80
O2A NAP Q . -17.13 14.86 -12.79
O5B NAP Q . -19.36 13.78 -12.48
C5B NAP Q . -20.19 12.63 -12.68
C4B NAP Q . -21.56 12.97 -12.16
O4B NAP Q . -21.50 13.16 -10.74
C3B NAP Q . -22.04 14.31 -12.68
O3B NAP Q . -22.50 14.19 -14.02
C2B NAP Q . -23.16 14.60 -11.68
O2B NAP Q . -24.46 14.31 -12.22
C1B NAP Q . -22.81 13.69 -10.49
N9A NAP Q . -22.82 14.57 -9.31
C8A NAP Q . -22.03 15.63 -8.96
N7A NAP Q . -22.45 16.21 -7.78
C5A NAP Q . -23.60 15.54 -7.44
C6A NAP Q . -24.62 15.58 -6.37
N6A NAP Q . -24.54 16.51 -5.37
N1A NAP Q . -25.63 14.70 -6.45
C2A NAP Q . -25.74 13.73 -7.39
N3A NAP Q . -24.89 13.58 -8.41
C4A NAP Q . -23.84 14.48 -8.46
O3 NAP Q . -17.40 12.35 -13.22
PN NAP Q . -16.44 11.64 -14.32
O1N NAP Q . -17.38 11.09 -15.35
O2N NAP Q . -15.36 12.63 -14.75
O5D NAP Q . -15.85 10.47 -13.34
C5D NAP Q . -16.69 9.39 -12.89
C4D NAP Q . -16.10 8.76 -11.61
O4D NAP Q . -14.69 8.44 -11.79
C3D NAP Q . -16.11 9.71 -10.41
O3D NAP Q . -16.40 8.94 -9.28
C2D NAP Q . -14.71 10.29 -10.29
O2D NAP Q . -14.26 10.80 -9.02
C1D NAP Q . -13.90 9.07 -10.81
N1N NAP Q . -12.67 9.58 -11.46
C2N NAP Q . -12.71 10.17 -12.69
C3N NAP Q . -11.53 10.66 -13.26
C7N NAP Q . -11.49 11.32 -14.60
O7N NAP Q . -12.52 11.70 -15.19
N7N NAP Q . -10.30 11.49 -15.11
C4N NAP Q . -10.34 10.53 -12.54
C5N NAP Q . -10.35 9.93 -11.29
C6N NAP Q . -11.52 9.46 -10.74
P2B NAP Q . -25.47 15.39 -12.91
O1X NAP Q . -24.64 15.70 -14.13
O2X NAP Q . -25.79 16.47 -11.94
O3X NAP Q . -26.73 14.61 -13.20
C ACT R . -38.24 6.93 -17.89
O ACT R . -37.75 6.71 -16.76
OXT ACT R . -39.32 6.38 -18.29
CH3 ACT R . -37.50 7.90 -18.85
C ACT S . 5.39 9.68 -21.24
O ACT S . 6.41 8.96 -21.10
OXT ACT S . 5.11 10.60 -20.47
CH3 ACT S . 4.47 9.44 -22.45
C1 GOL T . -39.51 9.32 -10.92
O1 GOL T . -39.88 8.79 -12.20
C2 GOL T . -38.34 10.28 -11.03
O2 GOL T . -37.27 9.93 -10.16
C3 GOL T . -37.77 10.50 -12.41
O3 GOL T . -36.53 11.19 -12.33
PA NAP U . 25.76 4.60 -0.69
O1A NAP U . 26.75 5.62 -0.22
O2A NAP U . 25.40 4.55 -2.15
O5B NAP U . 26.27 3.06 -0.37
C5B NAP U . 26.51 2.63 0.97
C4B NAP U . 27.68 1.65 1.01
O4B NAP U . 27.19 0.49 0.34
C3B NAP U . 28.86 2.01 0.17
O3B NAP U . 29.71 3.00 0.84
C2B NAP U . 29.50 0.64 0.01
O2B NAP U . 30.62 0.37 0.91
C1B NAP U . 28.33 -0.34 0.31
N9A NAP U . 28.29 -1.34 -0.73
C8A NAP U . 28.05 -1.13 -2.09
N7A NAP U . 28.25 -2.28 -2.80
C5A NAP U . 28.66 -3.21 -1.89
C6A NAP U . 29.02 -4.62 -1.97
N6A NAP U . 29.09 -5.30 -3.13
N1A NAP U . 29.34 -5.22 -0.83
C2A NAP U . 29.33 -4.58 0.38
N3A NAP U . 28.99 -3.30 0.54
C4A NAP U . 28.68 -2.61 -0.59
O3 NAP U . 24.49 4.63 0.33
PN NAP U . 23.76 5.94 1.00
O1N NAP U . 23.43 6.95 -0.08
O2N NAP U . 24.64 6.32 2.14
O5D NAP U . 22.33 5.30 1.43
C5D NAP U . 22.31 4.50 2.58
C4D NAP U . 21.14 3.47 2.42
O4D NAP U . 19.94 4.30 2.31
C3D NAP U . 21.20 2.60 1.20
O3D NAP U . 20.57 1.32 1.55
C2D NAP U . 20.28 3.25 0.15
O2D NAP U . 19.70 2.33 -0.85
C1D NAP U . 19.22 3.94 1.08
N1N NAP U . 18.69 5.13 0.37
C2N NAP U . 19.49 6.23 0.26
C3N NAP U . 19.02 7.37 -0.41
C7N NAP U . 19.86 8.58 -0.54
O7N NAP U . 19.22 9.50 -1.03
N7N NAP U . 21.17 8.61 -0.21
C4N NAP U . 17.76 7.36 -0.97
C5N NAP U . 16.98 6.19 -0.82
C6N NAP U . 17.44 5.09 -0.12
P2B NAP U . 32.14 0.75 0.53
O1X NAP U . 32.09 2.25 0.37
O2X NAP U . 32.52 0.01 -0.69
O3X NAP U . 32.88 0.35 1.75
N1 1CY V . 22.87 4.95 -3.18
C2 1CY V . 22.11 3.90 -2.86
N3 1CY V . 20.76 3.94 -3.04
C4 1CY V . 20.17 5.04 -3.56
N5 1CY V . 20.94 6.18 -3.96
C6 1CY V . 22.41 6.18 -3.85
N7 1CY V . 22.75 2.79 -2.37
N8 1CY V . 18.80 5.04 -3.67
C9 1CY V . 23.18 6.07 -5.20
C10 1CY V . 22.97 7.42 -3.18
C11 1CY V . 20.32 7.32 -4.53
C12 1CY V . 20.14 7.35 -5.91
C13 1CY V . 19.57 8.43 -6.54
C14 1CY V . 19.16 9.51 -5.80
C15 1CY V . 19.33 9.52 -4.41
C16 1CY V . 19.91 8.43 -3.79
CL17 1CY V . 18.43 10.85 -6.70
#